data_7T8M
#
_entry.id   7T8M
#
_cell.length_a   67.558
_cell.length_b   99.665
_cell.length_c   103.393
_cell.angle_alpha   90.000
_cell.angle_beta   90.000
_cell.angle_gamma   90.000
#
_symmetry.space_group_name_H-M   'P 21 21 21'
#
loop_
_entity.id
_entity.type
_entity.pdbx_description
1 polymer '3C-like proteinase'
2 polymer 'Nonstructural protein 5/6'
3 non-polymer GLYCEROL
4 non-polymer 'DIMETHYL SULFOXIDE'
5 water water
#
loop_
_entity_poly.entity_id
_entity_poly.type
_entity_poly.pdbx_seq_one_letter_code
_entity_poly.pdbx_strand_id
1 'polypeptide(L)'
;SGFRKMAFPSGKVEGCMVQVTCGTTTLNGLWLDDVVYCPRHVICTSEDMLNPNYEDLLIRKSNHNFLVQAGNVQLRVIGH
SMQNCVLKLKVDTANPKTPKYKFVRIQPGQTFSVLACYNGSPSGVYQCAMRPNFTIKGSFLNGSAGSVGFNIDYDCVSFC
YMHHMELPTGVHAGTDLEGNFYGPFVDRQTAQAAGTDTTITVNVLAWLYAAVINGDRWFLNRFTTTLNDFNLVAMKYNYE
PLTQDHVDILGPLSAQTGIAVLDMCASLKELLQNGMNGRTILGSALLEDEFTPFDVVRQCSGVTFQ
;
A,B
2 'polypeptide(L)' GVTFQSAVKR C,D
#
loop_
_chem_comp.id
_chem_comp.type
_chem_comp.name
_chem_comp.formula
DMS non-polymer 'DIMETHYL SULFOXIDE' 'C2 H6 O S'
GOL non-polymer GLYCEROL 'C3 H8 O3'
#
# COMPACT_ATOMS: atom_id res chain seq x y z
N SER A 1 8.10 -8.03 13.51
CA SER A 1 8.24 -6.60 13.80
C SER A 1 8.06 -5.75 12.54
N GLY A 2 7.87 -4.46 12.75
CA GLY A 2 7.66 -3.47 11.72
C GLY A 2 6.20 -3.08 11.63
N PHE A 3 5.95 -1.90 11.04
CA PHE A 3 4.56 -1.43 10.92
C PHE A 3 4.47 -0.57 9.67
N ARG A 4 3.62 -0.96 8.72
CA ARG A 4 3.59 -0.35 7.39
C ARG A 4 2.15 0.08 7.11
N LYS A 5 1.98 1.05 6.22
CA LYS A 5 0.63 1.36 5.77
C LYS A 5 0.19 0.23 4.84
N MET A 6 -0.70 -0.61 5.33
CA MET A 6 -0.95 -1.90 4.71
C MET A 6 -2.37 -1.92 4.14
N ALA A 7 -2.48 -2.25 2.86
CA ALA A 7 -3.77 -2.44 2.20
C ALA A 7 -4.21 -3.90 2.26
N PHE A 8 -5.53 -4.09 2.06
CA PHE A 8 -6.06 -5.44 1.91
C PHE A 8 -5.56 -6.01 0.59
N PRO A 9 -5.39 -7.33 0.51
CA PRO A 9 -5.13 -7.93 -0.79
C PRO A 9 -6.28 -7.57 -1.72
N SER A 10 -5.94 -7.23 -2.96
CA SER A 10 -6.91 -6.63 -3.88
C SER A 10 -7.44 -7.60 -4.94
N GLY A 11 -7.01 -8.85 -4.91
CA GLY A 11 -7.35 -9.77 -5.99
C GLY A 11 -8.84 -9.94 -6.25
N LYS A 12 -9.64 -10.03 -5.16
CA LYS A 12 -11.08 -10.22 -5.29
C LYS A 12 -11.71 -9.05 -6.01
N VAL A 13 -11.15 -7.87 -5.84
CA VAL A 13 -11.75 -6.69 -6.46
C VAL A 13 -11.25 -6.53 -7.89
N GLU A 14 -9.97 -6.91 -8.16
CA GLU A 14 -9.41 -6.78 -9.51
C GLU A 14 -10.29 -7.47 -10.54
N GLY A 15 -10.82 -8.62 -10.19
CA GLY A 15 -11.65 -9.40 -11.12
C GLY A 15 -13.01 -8.79 -11.42
N CYS A 16 -13.32 -7.68 -10.78
CA CYS A 16 -14.58 -6.96 -10.97
C CYS A 16 -14.42 -5.67 -11.75
N MET A 17 -13.22 -5.25 -12.07
CA MET A 17 -13.10 -3.95 -12.71
C MET A 17 -13.25 -4.05 -14.22
N VAL A 18 -14.05 -3.14 -14.77
CA VAL A 18 -14.29 -3.08 -16.21
C VAL A 18 -14.11 -1.62 -16.67
N GLN A 19 -14.03 -1.46 -18.00
CA GLN A 19 -14.01 -0.15 -18.61
C GLN A 19 -15.41 0.19 -19.09
N VAL A 20 -15.84 1.42 -18.81
CA VAL A 20 -17.14 1.91 -19.30
C VAL A 20 -16.91 3.16 -20.13
N THR A 21 -17.41 3.14 -21.36
CA THR A 21 -17.27 4.29 -22.26
C THR A 21 -18.64 4.70 -22.74
N CYS A 22 -18.91 6.01 -22.71
CA CYS A 22 -20.17 6.54 -23.24
C CYS A 22 -19.79 7.76 -24.07
N GLY A 23 -19.95 7.68 -25.39
CA GLY A 23 -19.48 8.79 -26.23
C GLY A 23 -17.96 8.84 -26.24
N THR A 24 -17.41 10.03 -25.96
CA THR A 24 -15.96 10.17 -25.88
C THR A 24 -15.45 10.14 -24.45
N THR A 25 -16.27 9.75 -23.49
CA THR A 25 -15.92 9.75 -22.06
C THR A 25 -15.71 8.31 -21.60
N THR A 26 -14.54 8.04 -21.02
CA THR A 26 -14.25 6.71 -20.48
C THR A 26 -13.89 6.80 -18.98
N LEU A 27 -14.38 5.82 -18.23
CA LEU A 27 -13.94 5.65 -16.83
C LEU A 27 -14.11 4.17 -16.47
N ASN A 28 -14.07 3.86 -15.18
CA ASN A 28 -14.11 2.48 -14.73
C ASN A 28 -15.47 2.14 -14.19
N GLY A 29 -15.79 0.83 -14.22
CA GLY A 29 -17.00 0.34 -13.61
C GLY A 29 -16.68 -0.88 -12.76
N LEU A 30 -17.65 -1.22 -11.90
CA LEU A 30 -17.55 -2.34 -10.99
C LEU A 30 -18.61 -3.37 -11.40
N TRP A 31 -18.14 -4.57 -11.84
CA TRP A 31 -19.01 -5.60 -12.41
C TRP A 31 -19.27 -6.64 -11.31
N LEU A 32 -20.50 -6.69 -10.80
CA LEU A 32 -20.88 -7.64 -9.75
C LEU A 32 -22.18 -8.28 -10.18
N ASP A 33 -22.30 -9.61 -10.05
CA ASP A 33 -23.51 -10.29 -10.57
C ASP A 33 -23.69 -9.81 -12.02
N ASP A 34 -24.88 -9.42 -12.45
CA ASP A 34 -25.06 -8.99 -13.83
C ASP A 34 -25.25 -7.50 -13.95
N VAL A 35 -24.64 -6.71 -13.05
CA VAL A 35 -24.74 -5.26 -13.09
C VAL A 35 -23.34 -4.66 -13.04
N VAL A 36 -23.14 -3.62 -13.83
CA VAL A 36 -21.91 -2.81 -13.83
C VAL A 36 -22.29 -1.46 -13.22
N TYR A 37 -21.62 -1.08 -12.13
CA TYR A 37 -21.84 0.18 -11.44
C TYR A 37 -20.74 1.18 -11.84
N CYS A 38 -21.13 2.42 -12.13
CA CYS A 38 -20.11 3.44 -12.44
C CYS A 38 -20.67 4.82 -12.14
N PRO A 39 -19.84 5.87 -12.12
CA PRO A 39 -20.34 7.23 -11.86
C PRO A 39 -21.26 7.69 -12.99
N ARG A 40 -22.37 8.34 -12.60
CA ARG A 40 -23.32 8.78 -13.61
C ARG A 40 -22.78 9.91 -14.48
N HIS A 41 -21.70 10.61 -14.08
CA HIS A 41 -21.09 11.64 -14.95
C HIS A 41 -20.46 11.09 -16.22
N VAL A 42 -20.37 9.77 -16.39
CA VAL A 42 -19.90 9.23 -17.66
C VAL A 42 -20.82 9.63 -18.80
N ILE A 43 -22.08 9.97 -18.53
CA ILE A 43 -22.98 10.32 -19.65
C ILE A 43 -22.86 11.79 -20.04
N CYS A 44 -22.01 12.57 -19.38
CA CYS A 44 -21.94 14.02 -19.57
C CYS A 44 -20.81 14.43 -20.48
N THR A 45 -21.09 15.35 -21.43
CA THR A 45 -20.01 16.16 -22.01
C THR A 45 -19.58 17.23 -21.02
N SER A 46 -18.42 17.85 -21.31
CA SER A 46 -17.98 18.98 -20.47
C SER A 46 -19.03 20.07 -20.39
N GLU A 47 -19.71 20.35 -21.49
CA GLU A 47 -20.73 21.37 -21.39
C GLU A 47 -21.87 20.91 -20.50
N ASP A 48 -22.29 19.64 -20.66
CA ASP A 48 -23.32 19.07 -19.79
C ASP A 48 -23.00 19.28 -18.32
N MET A 49 -21.73 19.09 -17.94
CA MET A 49 -21.36 19.12 -16.53
C MET A 49 -21.68 20.48 -15.86
N LEU A 50 -21.83 21.57 -16.63
CA LEU A 50 -22.08 22.86 -15.99
C LEU A 50 -23.47 22.94 -15.35
N ASN A 51 -24.39 22.17 -15.83
CA ASN A 51 -25.76 22.25 -15.38
C ASN A 51 -26.44 20.98 -15.88
N PRO A 52 -26.02 19.82 -15.42
CA PRO A 52 -26.58 18.57 -15.94
C PRO A 52 -27.95 18.27 -15.38
N ASN A 53 -28.77 17.72 -16.24
CA ASN A 53 -30.02 17.10 -15.87
C ASN A 53 -29.81 15.65 -16.23
N TYR A 54 -29.42 14.85 -15.23
CA TYR A 54 -29.00 13.49 -15.52
C TYR A 54 -30.13 12.63 -16.07
N GLU A 55 -31.34 12.75 -15.50
CA GLU A 55 -32.45 11.95 -16.00
C GLU A 55 -32.69 12.25 -17.47
N ASP A 56 -32.58 13.54 -17.83
CA ASP A 56 -32.81 13.95 -19.21
C ASP A 56 -31.72 13.44 -20.13
N LEU A 57 -30.47 13.56 -19.71
CA LEU A 57 -29.38 13.02 -20.51
C LEU A 57 -29.49 11.51 -20.66
N LEU A 58 -29.92 10.81 -19.60
CA LEU A 58 -29.95 9.34 -19.65
C LEU A 58 -31.07 8.85 -20.58
N ILE A 59 -32.18 9.58 -20.65
CA ILE A 59 -33.30 9.18 -21.50
C ILE A 59 -32.85 9.08 -22.95
N ARG A 60 -31.93 9.94 -23.37
CA ARG A 60 -31.45 9.89 -24.74
C ARG A 60 -30.51 8.73 -25.04
N LYS A 61 -29.98 8.05 -24.01
CA LYS A 61 -29.03 6.95 -24.24
C LYS A 61 -29.75 5.64 -24.48
N SER A 62 -29.24 4.85 -25.41
CA SER A 62 -29.68 3.49 -25.59
C SER A 62 -28.67 2.55 -24.92
N ASN A 63 -29.04 1.27 -24.79
CA ASN A 63 -28.12 0.32 -24.17
C ASN A 63 -26.79 0.26 -24.92
N HIS A 64 -26.82 0.32 -26.27
CA HIS A 64 -25.62 0.23 -27.09
C HIS A 64 -24.77 1.50 -27.04
N ASN A 65 -25.26 2.56 -26.41
CA ASN A 65 -24.44 3.73 -26.14
C ASN A 65 -23.42 3.49 -25.03
N PHE A 66 -23.54 2.42 -24.27
CA PHE A 66 -22.57 2.15 -23.22
C PHE A 66 -21.68 1.02 -23.68
N LEU A 67 -20.40 1.32 -23.94
CA LEU A 67 -19.45 0.29 -24.29
C LEU A 67 -18.78 -0.20 -23.01
N VAL A 68 -18.99 -1.45 -22.66
CA VAL A 68 -18.45 -2.03 -21.43
C VAL A 68 -17.47 -3.13 -21.80
N GLN A 69 -16.22 -2.99 -21.34
CA GLN A 69 -15.16 -3.89 -21.72
C GLN A 69 -14.58 -4.58 -20.50
N ALA A 70 -14.61 -5.90 -20.47
CA ALA A 70 -14.02 -6.70 -19.42
C ALA A 70 -12.80 -7.39 -20.01
N GLY A 71 -11.61 -6.89 -19.69
CA GLY A 71 -10.45 -7.36 -20.43
C GLY A 71 -10.67 -7.20 -21.91
N ASN A 72 -10.51 -8.27 -22.67
CA ASN A 72 -10.72 -8.20 -24.11
C ASN A 72 -12.13 -8.54 -24.55
N VAL A 73 -13.10 -8.64 -23.63
CA VAL A 73 -14.47 -9.05 -23.95
C VAL A 73 -15.41 -7.86 -23.82
N GLN A 74 -16.16 -7.56 -24.86
CA GLN A 74 -17.24 -6.60 -24.79
C GLN A 74 -18.48 -7.23 -24.12
N LEU A 75 -18.98 -6.59 -23.08
CA LEU A 75 -20.20 -7.06 -22.43
C LEU A 75 -21.42 -6.46 -23.11
N ARG A 76 -22.47 -7.25 -23.24
CA ARG A 76 -23.68 -6.78 -23.88
C ARG A 76 -24.57 -6.12 -22.81
N VAL A 77 -24.82 -4.82 -22.97
CA VAL A 77 -25.67 -4.08 -22.05
C VAL A 77 -27.13 -4.30 -22.43
N ILE A 78 -27.93 -4.81 -21.47
CA ILE A 78 -29.35 -5.08 -21.72
C ILE A 78 -30.28 -4.20 -20.88
N GLY A 79 -29.75 -3.27 -20.06
CA GLY A 79 -30.60 -2.28 -19.42
C GLY A 79 -29.75 -1.23 -18.75
N HIS A 80 -30.38 -0.10 -18.42
CA HIS A 80 -29.63 0.99 -17.80
C HIS A 80 -30.55 1.80 -16.92
N SER A 81 -30.09 2.08 -15.71
CA SER A 81 -30.86 2.90 -14.81
C SER A 81 -29.90 3.63 -13.90
N MET A 82 -30.42 4.57 -13.16
CA MET A 82 -29.54 5.25 -12.24
C MET A 82 -30.07 5.16 -10.82
N GLN A 83 -29.14 5.03 -9.87
CA GLN A 83 -29.45 5.09 -8.45
C GLN A 83 -28.63 6.23 -7.88
N ASN A 84 -29.28 7.32 -7.43
CA ASN A 84 -28.54 8.48 -6.91
C ASN A 84 -27.45 8.85 -7.92
N CYS A 85 -26.18 8.95 -7.52
CA CYS A 85 -25.15 9.39 -8.44
C CYS A 85 -24.39 8.25 -9.14
N VAL A 86 -24.95 7.03 -9.14
CA VAL A 86 -24.33 5.97 -9.92
C VAL A 86 -25.28 5.46 -10.97
N LEU A 87 -24.71 5.01 -12.09
CA LEU A 87 -25.42 4.22 -13.06
C LEU A 87 -25.27 2.77 -12.79
N LYS A 88 -26.34 2.03 -13.08
CA LYS A 88 -26.40 0.58 -12.99
C LYS A 88 -26.66 0.09 -14.41
N LEU A 89 -25.67 -0.52 -15.04
CA LEU A 89 -25.81 -1.05 -16.40
C LEU A 89 -26.03 -2.55 -16.26
N LYS A 90 -27.22 -3.03 -16.63
CA LYS A 90 -27.46 -4.45 -16.55
C LYS A 90 -26.82 -5.09 -17.78
N VAL A 91 -26.10 -6.19 -17.59
CA VAL A 91 -25.45 -6.88 -18.71
C VAL A 91 -26.00 -8.30 -18.81
N ASP A 92 -25.72 -8.96 -19.93
CA ASP A 92 -26.34 -10.25 -20.14
C ASP A 92 -25.57 -11.43 -19.54
N THR A 93 -24.46 -11.19 -18.83
CA THR A 93 -23.65 -12.22 -18.22
C THR A 93 -23.35 -11.81 -16.78
N ALA A 94 -23.59 -12.72 -15.83
CA ALA A 94 -23.14 -12.48 -14.45
C ALA A 94 -21.62 -12.64 -14.38
N ASN A 95 -20.96 -11.74 -13.64
CA ASN A 95 -19.51 -11.88 -13.49
C ASN A 95 -19.16 -13.18 -12.77
N PRO A 96 -18.45 -14.12 -13.42
CA PRO A 96 -18.13 -15.38 -12.75
C PRO A 96 -17.12 -15.22 -11.63
N LYS A 97 -16.44 -14.08 -11.58
CA LYS A 97 -15.49 -13.75 -10.53
C LYS A 97 -16.12 -12.91 -9.41
N THR A 98 -17.46 -12.73 -9.41
CA THR A 98 -18.08 -11.95 -8.32
C THR A 98 -17.71 -12.56 -6.97
N PRO A 99 -17.10 -11.82 -6.05
CA PRO A 99 -16.78 -12.36 -4.72
C PRO A 99 -18.00 -12.25 -3.84
N LYS A 100 -17.96 -12.94 -2.68
CA LYS A 100 -18.93 -12.55 -1.64
C LYS A 100 -18.72 -11.08 -1.32
N TYR A 101 -19.80 -10.29 -1.39
CA TYR A 101 -19.62 -8.86 -1.15
C TYR A 101 -20.89 -8.27 -0.55
N LYS A 102 -20.73 -7.09 0.03
CA LYS A 102 -21.85 -6.25 0.37
C LYS A 102 -21.46 -4.79 0.12
N PHE A 103 -22.45 -3.92 -0.02
CA PHE A 103 -22.23 -2.48 -0.05
C PHE A 103 -22.40 -1.92 1.37
N VAL A 104 -21.41 -1.16 1.86
CA VAL A 104 -21.47 -0.60 3.20
C VAL A 104 -21.08 0.87 3.10
N ARG A 105 -21.81 1.74 3.78
CA ARG A 105 -21.44 3.16 3.89
C ARG A 105 -20.63 3.34 5.16
N ILE A 106 -19.43 3.92 5.05
CA ILE A 106 -18.58 4.04 6.21
C ILE A 106 -18.77 5.41 6.85
N GLN A 107 -18.14 5.58 8.04
CA GLN A 107 -18.16 6.88 8.73
C GLN A 107 -16.82 7.54 8.68
N PRO A 108 -16.76 8.86 8.83
CA PRO A 108 -15.44 9.50 8.90
C PRO A 108 -14.56 8.88 9.99
N GLY A 109 -13.26 8.77 9.67
CA GLY A 109 -12.29 8.11 10.52
C GLY A 109 -12.08 6.66 10.15
N GLN A 110 -13.00 6.05 9.42
CA GLN A 110 -12.78 4.66 9.02
C GLN A 110 -11.86 4.61 7.82
N THR A 111 -11.05 3.55 7.75
CA THR A 111 -10.08 3.40 6.66
C THR A 111 -10.57 2.37 5.65
N PHE A 112 -9.92 2.41 4.48
CA PHE A 112 -10.25 1.43 3.45
C PHE A 112 -9.13 1.40 2.43
N SER A 113 -9.11 0.33 1.63
CA SER A 113 -8.12 0.23 0.58
C SER A 113 -8.71 0.74 -0.73
N VAL A 114 -7.92 1.49 -1.49
CA VAL A 114 -8.35 1.97 -2.79
C VAL A 114 -7.66 1.15 -3.87
N LEU A 115 -8.43 0.63 -4.83
CA LEU A 115 -7.85 0.04 -6.04
C LEU A 115 -7.95 1.06 -7.17
N ALA A 116 -6.86 1.79 -7.39
CA ALA A 116 -6.83 2.79 -8.45
C ALA A 116 -6.76 2.11 -9.80
N CYS A 117 -7.66 2.51 -10.71
CA CYS A 117 -7.77 1.85 -12.01
C CYS A 117 -7.86 2.89 -13.11
N TYR A 118 -7.37 2.52 -14.30
CA TYR A 118 -7.50 3.33 -15.51
C TYR A 118 -7.86 2.41 -16.67
N ASN A 119 -8.81 2.83 -17.50
CA ASN A 119 -9.21 2.04 -18.67
C ASN A 119 -9.68 0.64 -18.28
N GLY A 120 -10.28 0.52 -17.09
CA GLY A 120 -10.76 -0.74 -16.57
C GLY A 120 -9.70 -1.63 -16.02
N SER A 121 -8.45 -1.20 -15.99
CA SER A 121 -7.35 -2.05 -15.55
CA SER A 121 -7.34 -2.04 -15.57
C SER A 121 -6.77 -1.55 -14.24
N PRO A 122 -6.71 -2.42 -13.23
CA PRO A 122 -6.14 -2.02 -11.94
C PRO A 122 -4.68 -1.63 -12.09
N SER A 123 -4.31 -0.50 -11.48
CA SER A 123 -2.98 0.07 -11.58
C SER A 123 -2.27 0.17 -10.26
N GLY A 124 -2.97 0.36 -9.16
CA GLY A 124 -2.29 0.49 -7.88
C GLY A 124 -3.25 0.28 -6.75
N VAL A 125 -2.69 0.03 -5.58
CA VAL A 125 -3.50 -0.13 -4.37
C VAL A 125 -2.85 0.65 -3.22
N TYR A 126 -3.66 1.37 -2.44
CA TYR A 126 -3.16 2.09 -1.27
C TYR A 126 -4.26 2.22 -0.24
N GLN A 127 -3.85 2.54 0.99
CA GLN A 127 -4.77 2.67 2.11
C GLN A 127 -5.11 4.16 2.29
N CYS A 128 -6.40 4.44 2.57
CA CYS A 128 -7.05 5.77 2.66
C CYS A 128 -7.81 5.79 3.99
N ALA A 129 -8.00 6.97 4.58
CA ALA A 129 -9.07 7.18 5.56
C ALA A 129 -10.12 8.13 5.00
N MET A 130 -11.35 7.89 5.37
CA MET A 130 -12.37 8.91 5.18
C MET A 130 -12.10 10.04 6.17
N ARG A 131 -11.79 11.23 5.66
CA ARG A 131 -11.45 12.31 6.58
C ARG A 131 -12.70 12.80 7.31
N PRO A 132 -12.51 13.47 8.45
CA PRO A 132 -13.68 14.06 9.13
C PRO A 132 -14.43 15.03 8.23
N ASN A 133 -13.77 15.67 7.27
CA ASN A 133 -14.46 16.57 6.36
C ASN A 133 -15.00 15.85 5.12
N PHE A 134 -15.02 14.51 5.18
CA PHE A 134 -15.59 13.60 4.18
C PHE A 134 -14.85 13.60 2.85
N THR A 135 -13.67 14.19 2.76
CA THR A 135 -12.85 13.95 1.58
C THR A 135 -11.94 12.77 1.83
N ILE A 136 -11.28 12.32 0.77
CA ILE A 136 -10.18 11.36 0.93
C ILE A 136 -8.93 11.94 0.27
N LYS A 137 -7.77 11.75 0.92
CA LYS A 137 -6.50 12.21 0.36
C LYS A 137 -5.99 11.09 -0.52
N GLY A 138 -6.56 10.97 -1.72
CA GLY A 138 -6.23 9.88 -2.62
C GLY A 138 -5.05 10.29 -3.49
N SER A 139 -4.77 9.42 -4.46
CA SER A 139 -3.79 9.67 -5.52
C SER A 139 -4.49 9.18 -6.79
N PHE A 140 -4.97 10.15 -7.59
CA PHE A 140 -5.86 9.87 -8.71
C PHE A 140 -5.58 10.86 -9.82
N LEU A 141 -5.62 10.37 -11.04
CA LEU A 141 -5.46 11.20 -12.23
C LEU A 141 -6.71 11.08 -13.11
N ASN A 142 -6.68 11.77 -14.24
CA ASN A 142 -7.82 11.61 -15.16
C ASN A 142 -7.93 10.16 -15.61
N GLY A 143 -9.18 9.69 -15.68
CA GLY A 143 -9.46 8.31 -16.01
C GLY A 143 -9.70 7.41 -14.79
N SER A 144 -9.46 7.92 -13.57
CA SER A 144 -9.59 7.10 -12.35
C SER A 144 -11.00 7.05 -11.81
N ALA A 145 -11.94 7.86 -12.32
CA ALA A 145 -13.27 7.79 -11.76
C ALA A 145 -13.84 6.37 -11.93
N GLY A 146 -14.61 5.94 -10.93
CA GLY A 146 -15.09 4.58 -10.89
C GLY A 146 -14.16 3.60 -10.18
N SER A 147 -12.90 3.99 -9.89
CA SER A 147 -12.09 3.22 -8.94
C SER A 147 -12.84 3.06 -7.63
N VAL A 148 -12.61 1.96 -6.91
CA VAL A 148 -13.40 1.70 -5.69
C VAL A 148 -12.53 1.54 -4.44
N GLY A 149 -13.15 1.82 -3.29
CA GLY A 149 -12.57 1.54 -1.98
C GLY A 149 -13.30 0.40 -1.30
N PHE A 150 -12.57 -0.37 -0.47
CA PHE A 150 -13.18 -1.55 0.10
C PHE A 150 -12.43 -1.95 1.36
N ASN A 151 -13.09 -2.74 2.18
CA ASN A 151 -12.48 -3.48 3.27
C ASN A 151 -12.78 -4.96 3.03
N ILE A 152 -12.04 -5.84 3.66
CA ILE A 152 -12.42 -7.25 3.66
C ILE A 152 -12.68 -7.72 5.10
N ASP A 153 -13.65 -8.64 5.26
CA ASP A 153 -13.70 -9.39 6.52
C ASP A 153 -13.96 -10.87 6.27
N TYR A 154 -12.93 -11.68 6.54
CA TYR A 154 -12.88 -13.11 6.27
C TYR A 154 -13.08 -13.39 4.80
N ASP A 155 -14.34 -13.64 4.45
CA ASP A 155 -14.74 -14.01 3.11
C ASP A 155 -15.34 -12.84 2.32
N CYS A 156 -15.72 -11.74 2.96
CA CYS A 156 -16.68 -10.81 2.35
C CYS A 156 -16.00 -9.48 2.01
N VAL A 157 -16.06 -9.06 0.75
CA VAL A 157 -15.61 -7.72 0.36
C VAL A 157 -16.71 -6.72 0.66
N SER A 158 -16.40 -5.72 1.46
CA SER A 158 -17.35 -4.65 1.78
C SER A 158 -16.95 -3.45 0.95
N PHE A 159 -17.69 -3.15 -0.11
CA PHE A 159 -17.38 -1.99 -0.91
C PHE A 159 -17.94 -0.74 -0.26
N CYS A 160 -17.11 0.30 -0.10
CA CYS A 160 -17.55 1.48 0.60
C CYS A 160 -17.36 2.78 -0.16
N TYR A 161 -16.62 2.79 -1.27
CA TYR A 161 -16.33 4.04 -1.95
C TYR A 161 -16.22 3.82 -3.43
N MET A 162 -16.77 4.76 -4.23
CA MET A 162 -16.50 4.81 -5.66
C MET A 162 -16.08 6.23 -6.02
N HIS A 163 -14.94 6.34 -6.72
CA HIS A 163 -14.33 7.65 -6.92
C HIS A 163 -15.07 8.47 -7.98
N HIS A 164 -15.31 9.78 -7.71
CA HIS A 164 -15.91 10.61 -8.74
C HIS A 164 -15.05 11.80 -9.17
N MET A 165 -14.42 12.50 -8.23
CA MET A 165 -13.94 13.86 -8.56
C MET A 165 -12.77 14.31 -7.69
N GLU A 166 -12.04 15.30 -8.20
CA GLU A 166 -10.98 15.93 -7.46
C GLU A 166 -11.34 17.39 -7.18
N LEU A 167 -11.06 17.85 -5.96
CA LEU A 167 -11.34 19.20 -5.51
C LEU A 167 -10.12 20.07 -5.73
N PRO A 168 -10.28 21.41 -5.62
CA PRO A 168 -9.14 22.31 -5.90
C PRO A 168 -7.90 22.06 -5.07
N THR A 169 -8.02 21.62 -3.81
CA THR A 169 -6.80 21.35 -3.05
C THR A 169 -6.17 20.01 -3.40
N GLY A 170 -6.75 19.25 -4.33
CA GLY A 170 -6.13 18.01 -4.75
C GLY A 170 -6.59 16.80 -3.97
N VAL A 171 -7.51 16.97 -3.05
CA VAL A 171 -8.16 15.86 -2.35
C VAL A 171 -9.38 15.46 -3.17
N HIS A 172 -10.04 14.40 -2.75
CA HIS A 172 -10.95 13.63 -3.61
C HIS A 172 -12.31 13.42 -2.96
N ALA A 173 -13.31 13.30 -3.81
CA ALA A 173 -14.66 13.06 -3.31
C ALA A 173 -15.32 11.98 -4.13
N GLY A 174 -16.24 11.27 -3.50
CA GLY A 174 -16.93 10.19 -4.19
C GLY A 174 -18.14 9.74 -3.38
N THR A 175 -18.68 8.60 -3.78
CA THR A 175 -19.96 8.12 -3.24
C THR A 175 -19.78 6.77 -2.59
N ASP A 176 -20.82 6.32 -1.86
CA ASP A 176 -20.91 4.90 -1.62
C ASP A 176 -21.44 4.20 -2.88
N LEU A 177 -21.57 2.87 -2.82
CA LEU A 177 -21.92 2.12 -4.04
C LEU A 177 -23.42 2.17 -4.33
N GLU A 178 -24.19 2.79 -3.47
CA GLU A 178 -25.57 3.21 -3.77
C GLU A 178 -25.63 4.63 -4.31
N GLY A 179 -24.48 5.25 -4.60
CA GLY A 179 -24.47 6.54 -5.27
C GLY A 179 -24.70 7.72 -4.35
N ASN A 180 -24.60 7.55 -3.03
CA ASN A 180 -24.76 8.68 -2.12
C ASN A 180 -23.41 9.34 -1.85
N PHE A 181 -23.31 10.65 -2.08
CA PHE A 181 -22.02 11.31 -1.84
C PHE A 181 -21.61 11.22 -0.37
N TYR A 182 -20.29 11.11 -0.15
CA TYR A 182 -19.69 11.41 1.15
C TYR A 182 -19.34 12.89 1.11
N GLY A 183 -19.87 13.68 2.03
CA GLY A 183 -19.50 15.07 2.07
C GLY A 183 -20.47 15.90 1.27
N PRO A 184 -20.42 17.22 1.47
CA PRO A 184 -21.36 18.13 0.81
C PRO A 184 -20.95 18.51 -0.61
N PHE A 185 -20.77 17.49 -1.44
CA PHE A 185 -20.27 17.66 -2.78
C PHE A 185 -21.31 17.18 -3.77
N VAL A 186 -21.27 17.73 -5.00
CA VAL A 186 -22.23 17.41 -6.05
C VAL A 186 -21.49 17.11 -7.35
N ASP A 187 -22.13 16.33 -8.21
CA ASP A 187 -21.49 15.97 -9.49
C ASP A 187 -21.95 16.96 -10.56
N ARG A 188 -21.45 18.18 -10.37
CA ARG A 188 -21.69 19.31 -11.24
C ARG A 188 -20.42 20.14 -11.22
N GLN A 189 -20.13 20.76 -12.37
CA GLN A 189 -18.95 21.63 -12.54
C GLN A 189 -19.36 23.02 -12.04
N THR A 190 -19.07 23.27 -10.77
CA THR A 190 -19.41 24.49 -10.06
C THR A 190 -18.40 24.59 -8.93
N ALA A 191 -18.28 25.79 -8.33
CA ALA A 191 -17.28 25.98 -7.28
C ALA A 191 -17.58 25.10 -6.07
N GLN A 192 -16.59 24.33 -5.62
CA GLN A 192 -16.74 23.43 -4.47
C GLN A 192 -15.39 23.34 -3.77
N ALA A 193 -15.40 23.19 -2.44
CA ALA A 193 -14.11 23.12 -1.75
C ALA A 193 -14.22 22.22 -0.52
N ALA A 194 -13.12 21.57 -0.20
CA ALA A 194 -13.03 20.88 1.08
C ALA A 194 -13.16 21.89 2.24
N GLY A 195 -13.92 21.50 3.27
CA GLY A 195 -13.97 22.27 4.51
C GLY A 195 -12.73 22.01 5.35
N THR A 196 -12.62 22.77 6.44
CA THR A 196 -11.44 22.58 7.30
C THR A 196 -11.54 21.19 7.92
N ASP A 197 -10.42 20.49 7.94
CA ASP A 197 -10.38 19.15 8.47
C ASP A 197 -9.94 19.14 9.93
N THR A 198 -10.08 17.97 10.55
CA THR A 198 -9.56 17.71 11.87
C THR A 198 -8.79 16.39 11.84
N THR A 199 -8.11 16.09 12.94
CA THR A 199 -7.35 14.85 13.05
C THR A 199 -8.17 13.78 13.78
N ILE A 200 -8.04 12.54 13.35
CA ILE A 200 -8.85 11.45 13.86
C ILE A 200 -8.19 10.91 15.13
N THR A 201 -8.66 11.41 16.29
CA THR A 201 -8.01 11.12 17.58
C THR A 201 -7.89 9.62 17.88
N VAL A 202 -8.99 8.88 17.75
CA VAL A 202 -8.93 7.46 18.12
C VAL A 202 -7.90 6.73 17.26
N ASN A 203 -7.69 7.17 16.01
CA ASN A 203 -6.71 6.52 15.14
C ASN A 203 -5.30 6.86 15.58
N VAL A 204 -5.06 8.13 15.97
CA VAL A 204 -3.74 8.47 16.54
C VAL A 204 -3.43 7.60 17.75
N LEU A 205 -4.41 7.45 18.66
CA LEU A 205 -4.18 6.58 19.82
C LEU A 205 -3.86 5.17 19.37
N ALA A 206 -4.61 4.63 18.42
CA ALA A 206 -4.29 3.29 17.92
C ALA A 206 -2.86 3.18 17.42
N TRP A 207 -2.39 4.21 16.70
CA TRP A 207 -1.05 4.17 16.16
C TRP A 207 0.01 4.30 17.25
N LEU A 208 -0.26 5.08 18.32
CA LEU A 208 0.62 5.09 19.48
C LEU A 208 0.74 3.70 20.12
N TYR A 209 -0.37 2.95 20.19
CA TYR A 209 -0.31 1.57 20.66
C TYR A 209 0.53 0.70 19.72
N ALA A 210 0.38 0.86 18.40
CA ALA A 210 1.23 0.16 17.46
C ALA A 210 2.70 0.49 17.69
N ALA A 211 2.98 1.76 18.03
CA ALA A 211 4.35 2.16 18.29
C ALA A 211 4.91 1.44 19.51
N VAL A 212 4.11 1.39 20.58
CA VAL A 212 4.55 0.69 21.80
C VAL A 212 4.80 -0.78 21.52
N ILE A 213 3.92 -1.42 20.73
CA ILE A 213 4.09 -2.82 20.36
C ILE A 213 5.39 -3.00 19.62
N ASN A 214 5.81 -2.00 18.87
CA ASN A 214 7.06 -2.04 18.15
C ASN A 214 8.27 -1.50 18.92
N GLY A 215 8.14 -1.22 20.22
CA GLY A 215 9.25 -0.79 21.05
C GLY A 215 9.49 0.69 21.14
N ASP A 216 8.65 1.52 20.53
CA ASP A 216 8.80 2.97 20.63
C ASP A 216 8.02 3.38 21.85
N ARG A 217 8.71 3.80 22.92
CA ARG A 217 8.06 4.10 24.20
C ARG A 217 8.40 5.47 24.75
N TRP A 218 9.19 6.28 24.05
CA TRP A 218 9.73 7.48 24.66
C TRP A 218 8.65 8.46 25.07
N PHE A 219 7.47 8.38 24.45
CA PHE A 219 6.39 9.34 24.72
C PHE A 219 5.52 8.93 25.88
N LEU A 220 5.71 7.74 26.45
CA LEU A 220 4.94 7.38 27.63
C LEU A 220 5.39 8.19 28.81
N ASN A 221 4.47 8.40 29.76
CA ASN A 221 4.76 9.22 30.91
C ASN A 221 3.92 8.75 32.10
N ARG A 222 4.18 9.35 33.29
CA ARG A 222 3.50 8.90 34.51
C ARG A 222 2.07 9.38 34.62
N PHE A 223 1.63 10.26 33.72
CA PHE A 223 0.37 10.96 33.93
C PHE A 223 -0.83 10.22 33.32
N THR A 224 -2.01 10.55 33.84
CA THR A 224 -3.25 10.17 33.21
C THR A 224 -4.10 11.42 33.05
N THR A 225 -5.31 11.24 32.50
CA THR A 225 -6.16 12.37 32.29
C THR A 225 -7.59 11.89 32.37
N THR A 226 -8.51 12.78 32.07
CA THR A 226 -9.91 12.43 31.95
C THR A 226 -10.39 12.76 30.56
N LEU A 227 -11.53 12.18 30.20
CA LEU A 227 -12.15 12.47 28.93
C LEU A 227 -12.40 13.97 28.79
N ASN A 228 -12.93 14.62 29.84
CA ASN A 228 -13.24 16.04 29.69
C ASN A 228 -12.00 16.88 29.58
N ASP A 229 -10.97 16.58 30.39
CA ASP A 229 -9.74 17.33 30.26
C ASP A 229 -9.13 17.09 28.90
N PHE A 230 -9.14 15.84 28.45
CA PHE A 230 -8.47 15.56 27.18
C PHE A 230 -9.19 16.27 26.04
N ASN A 231 -10.52 16.31 26.08
CA ASN A 231 -11.26 16.89 24.98
C ASN A 231 -11.12 18.41 24.91
N LEU A 232 -10.82 19.09 26.02
CA LEU A 232 -10.46 20.49 25.89
C LEU A 232 -9.18 20.67 25.07
N VAL A 233 -8.19 19.78 25.26
CA VAL A 233 -6.99 19.89 24.46
C VAL A 233 -7.28 19.53 23.01
N ALA A 234 -8.07 18.48 22.80
CA ALA A 234 -8.45 18.06 21.43
C ALA A 234 -9.08 19.22 20.66
N MET A 235 -10.06 19.90 21.25
CA MET A 235 -10.63 21.08 20.61
C MET A 235 -9.57 22.11 20.26
N LYS A 236 -8.66 22.39 21.20
CA LYS A 236 -7.67 23.43 20.94
C LYS A 236 -6.79 23.07 19.76
N TYR A 237 -6.57 21.76 19.53
CA TYR A 237 -5.64 21.36 18.49
C TYR A 237 -6.37 20.76 17.28
N ASN A 238 -7.66 21.01 17.15
CA ASN A 238 -8.41 20.57 15.97
C ASN A 238 -8.32 19.06 15.79
N TYR A 239 -8.46 18.36 16.91
CA TYR A 239 -8.63 16.92 17.03
C TYR A 239 -10.10 16.59 17.29
N GLU A 240 -10.56 15.47 16.75
CA GLU A 240 -11.92 15.04 17.03
C GLU A 240 -12.09 14.76 18.52
N PRO A 241 -13.26 15.07 19.10
CA PRO A 241 -13.52 14.63 20.47
C PRO A 241 -13.38 13.12 20.59
N LEU A 242 -12.82 12.68 21.71
CA LEU A 242 -12.80 11.27 22.02
C LEU A 242 -14.07 10.92 22.80
N THR A 243 -14.69 9.81 22.43
CA THR A 243 -15.91 9.37 23.06
C THR A 243 -15.60 8.16 23.91
N GLN A 244 -16.57 7.80 24.75
CA GLN A 244 -16.51 6.53 25.47
C GLN A 244 -16.43 5.34 24.53
N ASP A 245 -17.15 5.40 23.40
CA ASP A 245 -17.09 4.29 22.45
C ASP A 245 -15.68 4.09 21.95
N HIS A 246 -14.97 5.18 21.69
CA HIS A 246 -13.57 5.11 21.26
C HIS A 246 -12.70 4.50 22.34
N VAL A 247 -12.89 4.91 23.60
CA VAL A 247 -12.10 4.30 24.65
C VAL A 247 -12.37 2.80 24.69
N ASP A 248 -13.65 2.41 24.53
CA ASP A 248 -13.95 0.97 24.61
C ASP A 248 -13.26 0.20 23.49
N ILE A 249 -13.32 0.72 22.27
CA ILE A 249 -12.65 0.12 21.11
C ILE A 249 -11.15 -0.07 21.33
N LEU A 250 -10.50 0.83 22.07
CA LEU A 250 -9.08 0.66 22.25
C LEU A 250 -8.73 -0.35 23.34
N GLY A 251 -9.72 -0.80 24.12
CA GLY A 251 -9.55 -1.72 25.24
C GLY A 251 -8.60 -2.89 25.02
N PRO A 252 -8.75 -3.61 23.90
CA PRO A 252 -7.78 -4.65 23.57
C PRO A 252 -6.36 -4.18 23.64
N LEU A 253 -6.05 -3.14 22.85
CA LEU A 253 -4.70 -2.59 22.82
C LEU A 253 -4.26 -2.09 24.20
N SER A 254 -5.18 -1.56 25.02
CA SER A 254 -4.76 -0.97 26.30
C SER A 254 -4.46 -2.05 27.33
N ALA A 255 -5.28 -3.09 27.38
CA ALA A 255 -4.96 -4.21 28.27
C ALA A 255 -3.75 -5.00 27.76
N GLN A 256 -3.58 -5.07 26.43
CA GLN A 256 -2.44 -5.81 25.88
C GLN A 256 -1.10 -5.13 26.16
N THR A 257 -0.94 -3.89 25.71
CA THR A 257 0.37 -3.28 25.83
C THR A 257 0.75 -3.06 27.28
N GLY A 258 -0.23 -2.95 28.15
CA GLY A 258 0.00 -2.60 29.53
C GLY A 258 -0.27 -1.16 29.85
N ILE A 259 -0.92 -0.43 28.94
CA ILE A 259 -1.05 1.01 28.99
C ILE A 259 -2.52 1.36 28.84
N ALA A 260 -3.13 1.93 29.86
CA ALA A 260 -4.55 2.26 29.80
C ALA A 260 -4.81 3.40 28.83
N VAL A 261 -6.04 3.44 28.31
CA VAL A 261 -6.37 4.40 27.26
C VAL A 261 -6.18 5.83 27.77
N LEU A 262 -6.66 6.14 28.98
CA LEU A 262 -6.50 7.52 29.39
C LEU A 262 -5.05 7.81 29.79
N ASP A 263 -4.23 6.78 30.03
CA ASP A 263 -2.79 6.97 30.21
C ASP A 263 -2.18 7.35 28.86
N MET A 264 -2.60 6.65 27.79
CA MET A 264 -2.10 6.95 26.45
C MET A 264 -2.59 8.33 26.02
N CYS A 265 -3.82 8.70 26.44
CA CYS A 265 -4.32 10.05 26.19
C CYS A 265 -3.45 11.12 26.82
N ALA A 266 -2.89 10.84 28.01
CA ALA A 266 -1.99 11.82 28.56
C ALA A 266 -0.68 11.91 27.78
N SER A 267 -0.26 10.83 27.15
CA SER A 267 0.87 10.95 26.22
C SER A 267 0.52 11.83 25.03
N LEU A 268 -0.64 11.58 24.41
CA LEU A 268 -1.03 12.37 23.25
C LEU A 268 -1.20 13.83 23.62
N LYS A 269 -1.76 14.09 24.81
CA LYS A 269 -1.89 15.48 25.19
C LYS A 269 -0.53 16.15 25.30
N GLU A 270 0.44 15.47 25.90
CA GLU A 270 1.77 16.08 25.98
C GLU A 270 2.38 16.26 24.59
N LEU A 271 2.13 15.33 23.66
CA LEU A 271 2.72 15.51 22.33
C LEU A 271 2.10 16.69 21.60
N LEU A 272 0.80 16.93 21.78
CA LEU A 272 0.16 18.06 21.15
C LEU A 272 0.70 19.38 21.71
N GLN A 273 0.93 19.44 23.02
CA GLN A 273 1.38 20.68 23.66
C GLN A 273 2.86 20.95 23.48
N ASN A 274 3.68 19.93 23.23
CA ASN A 274 5.12 20.12 23.21
C ASN A 274 5.79 19.64 21.94
N GLY A 275 5.08 18.94 21.07
CA GLY A 275 5.73 18.37 19.93
C GLY A 275 6.55 17.16 20.31
N MET A 276 7.40 16.74 19.38
CA MET A 276 8.17 15.51 19.53
C MET A 276 9.65 15.77 19.85
N ASN A 277 10.05 17.03 19.95
CA ASN A 277 11.39 17.43 20.37
C ASN A 277 12.46 16.67 19.61
N GLY A 278 12.29 16.66 18.29
CA GLY A 278 13.25 16.09 17.37
C GLY A 278 13.19 14.59 17.22
N ARG A 279 12.24 13.94 17.89
CA ARG A 279 12.19 12.50 17.84
C ARG A 279 11.12 12.10 16.83
N THR A 280 11.05 10.81 16.55
CA THR A 280 10.07 10.25 15.64
C THR A 280 9.40 9.05 16.30
N ILE A 281 8.23 8.71 15.77
CA ILE A 281 7.46 7.55 16.23
C ILE A 281 7.15 6.71 15.00
N LEU A 282 7.56 5.42 15.01
CA LEU A 282 7.27 4.53 13.87
C LEU A 282 7.68 5.18 12.56
N GLY A 283 8.80 5.89 12.62
CA GLY A 283 9.37 6.47 11.42
C GLY A 283 8.67 7.72 10.92
N SER A 284 7.85 8.34 11.74
CA SER A 284 7.09 9.52 11.37
C SER A 284 7.46 10.68 12.30
N ALA A 285 7.52 11.89 11.74
CA ALA A 285 7.61 13.09 12.56
C ALA A 285 6.27 13.78 12.73
N LEU A 286 5.19 13.19 12.22
CA LEU A 286 3.83 13.64 12.39
C LEU A 286 3.04 12.56 13.15
N LEU A 287 1.98 12.95 13.82
CA LEU A 287 1.10 11.99 14.48
C LEU A 287 0.17 11.40 13.41
N GLU A 288 0.31 10.11 13.11
CA GLU A 288 -0.39 9.42 12.03
C GLU A 288 -1.81 9.08 12.47
N ASP A 289 -2.81 9.38 11.61
CA ASP A 289 -4.21 9.13 11.98
C ASP A 289 -4.95 8.30 10.95
N GLU A 290 -4.25 7.61 10.04
CA GLU A 290 -4.97 6.76 9.10
C GLU A 290 -4.78 5.25 9.39
N PHE A 291 -4.67 4.88 10.68
CA PHE A 291 -4.79 3.48 11.15
C PHE A 291 -5.87 3.42 12.21
N THR A 292 -6.91 2.59 12.00
CA THR A 292 -7.90 2.38 13.05
C THR A 292 -7.40 1.36 14.07
N PRO A 293 -8.08 1.25 15.22
CA PRO A 293 -7.70 0.20 16.18
C PRO A 293 -7.73 -1.16 15.53
N PHE A 294 -8.73 -1.44 14.69
CA PHE A 294 -8.74 -2.77 14.05
C PHE A 294 -7.59 -2.91 13.05
N ASP A 295 -7.20 -1.84 12.34
CA ASP A 295 -6.06 -1.94 11.42
C ASP A 295 -4.82 -2.39 12.18
N VAL A 296 -4.63 -1.86 13.40
CA VAL A 296 -3.44 -2.21 14.15
C VAL A 296 -3.47 -3.68 14.55
N VAL A 297 -4.63 -4.14 15.06
CA VAL A 297 -4.75 -5.54 15.44
C VAL A 297 -4.54 -6.45 14.22
N ARG A 298 -5.13 -6.12 13.07
CA ARG A 298 -5.02 -6.99 11.91
C ARG A 298 -3.59 -7.12 11.44
N GLN A 299 -2.84 -6.02 11.43
CA GLN A 299 -1.44 -6.09 11.01
C GLN A 299 -0.58 -6.76 12.07
N CYS A 300 -0.76 -6.41 13.34
CA CYS A 300 0.16 -6.91 14.37
C CYS A 300 -0.11 -8.36 14.74
N SER A 301 -1.27 -8.92 14.39
CA SER A 301 -1.59 -10.31 14.66
CA SER A 301 -1.56 -10.31 14.67
C SER A 301 -1.60 -11.17 13.41
N GLY A 302 -1.36 -10.59 12.24
CA GLY A 302 -1.25 -11.38 11.03
C GLY A 302 -2.56 -12.01 10.60
N VAL A 303 -3.66 -11.26 10.70
CA VAL A 303 -4.95 -11.76 10.19
C VAL A 303 -4.89 -11.95 8.68
N THR A 304 -5.46 -13.05 8.20
CA THR A 304 -5.43 -13.34 6.76
C THR A 304 -6.85 -13.35 6.19
N PHE A 305 -6.88 -13.32 4.85
CA PHE A 305 -8.10 -13.37 4.04
C PHE A 305 -7.95 -14.45 2.95
N SER B 1 -4.02 14.45 -8.77
CA SER B 1 -3.26 14.96 -7.62
CA SER B 1 -3.23 14.94 -7.64
C SER B 1 -3.24 13.96 -6.48
N GLY B 2 -2.42 14.25 -5.46
CA GLY B 2 -2.13 13.38 -4.34
C GLY B 2 -0.88 12.58 -4.58
N PHE B 3 -0.40 11.90 -3.53
CA PHE B 3 0.81 11.11 -3.66
C PHE B 3 0.79 10.12 -2.50
N ARG B 4 0.75 8.84 -2.83
CA ARG B 4 0.57 7.79 -1.83
C ARG B 4 1.66 6.73 -1.98
N LYS B 5 1.92 6.00 -0.90
CA LYS B 5 2.72 4.78 -0.98
C LYS B 5 1.86 3.78 -1.72
N MET B 6 2.06 3.64 -3.01
CA MET B 6 1.13 2.87 -3.81
CA MET B 6 1.14 2.91 -3.89
C MET B 6 1.77 1.55 -4.26
N ALA B 7 1.14 0.46 -3.88
CA ALA B 7 1.64 -0.85 -4.22
C ALA B 7 1.02 -1.29 -5.56
N PHE B 8 1.54 -2.38 -6.11
CA PHE B 8 0.83 -3.01 -7.22
C PHE B 8 -0.37 -3.83 -6.74
N PRO B 9 -1.42 -3.93 -7.56
CA PRO B 9 -2.54 -4.81 -7.21
C PRO B 9 -1.97 -6.21 -7.03
N SER B 10 -2.41 -6.89 -5.97
CA SER B 10 -1.74 -8.13 -5.53
C SER B 10 -2.34 -9.41 -6.11
N GLY B 11 -3.47 -9.33 -6.86
CA GLY B 11 -4.16 -10.56 -7.29
C GLY B 11 -3.28 -11.60 -7.99
N LYS B 12 -2.44 -11.15 -8.93
CA LYS B 12 -1.60 -12.06 -9.71
C LYS B 12 -0.66 -12.83 -8.82
N VAL B 13 -0.25 -12.24 -7.68
CA VAL B 13 0.61 -12.95 -6.72
C VAL B 13 -0.23 -13.80 -5.76
N GLU B 14 -1.39 -13.27 -5.34
CA GLU B 14 -2.26 -14.04 -4.47
C GLU B 14 -2.50 -15.45 -5.01
N GLY B 15 -2.74 -15.54 -6.31
CA GLY B 15 -3.05 -16.78 -7.00
C GLY B 15 -1.91 -17.78 -7.00
N CYS B 16 -0.69 -17.35 -6.57
CA CYS B 16 0.47 -18.24 -6.50
C CYS B 16 0.83 -18.64 -5.09
N MET B 17 0.13 -18.13 -4.06
CA MET B 17 0.58 -18.38 -2.70
C MET B 17 0.06 -19.73 -2.19
N VAL B 18 0.96 -20.57 -1.65
CA VAL B 18 0.59 -21.84 -1.04
C VAL B 18 1.27 -21.95 0.32
N GLN B 19 0.91 -22.98 1.04
CA GLN B 19 1.52 -23.28 2.34
C GLN B 19 2.44 -24.47 2.15
N VAL B 20 3.64 -24.43 2.75
CA VAL B 20 4.58 -25.54 2.70
C VAL B 20 4.90 -25.95 4.14
N THR B 21 4.81 -27.24 4.41
CA THR B 21 5.09 -27.78 5.74
C THR B 21 6.04 -28.97 5.62
N CYS B 22 7.08 -28.97 6.48
CA CYS B 22 8.03 -30.07 6.55
C CYS B 22 8.25 -30.30 8.04
N GLY B 23 7.94 -31.50 8.51
CA GLY B 23 8.02 -31.76 9.95
C GLY B 23 6.97 -30.99 10.70
N THR B 24 7.39 -30.22 11.69
CA THR B 24 6.51 -29.33 12.43
C THR B 24 6.74 -27.86 12.06
N THR B 25 7.37 -27.61 10.91
CA THR B 25 7.70 -26.24 10.51
C THR B 25 6.87 -25.89 9.28
N THR B 26 6.26 -24.71 9.29
CA THR B 26 5.46 -24.27 8.15
C THR B 26 5.85 -22.86 7.73
N LEU B 27 5.68 -22.55 6.45
CA LEU B 27 5.84 -21.20 5.94
C LEU B 27 5.12 -21.13 4.59
N ASN B 28 5.32 -20.05 3.85
CA ASN B 28 4.67 -19.87 2.56
C ASN B 28 5.55 -20.32 1.42
N GLY B 29 4.91 -20.77 0.32
CA GLY B 29 5.61 -21.02 -0.92
C GLY B 29 4.98 -20.28 -2.08
N LEU B 30 5.73 -20.16 -3.15
CA LEU B 30 5.29 -19.47 -4.36
C LEU B 30 5.17 -20.51 -5.46
N TRP B 31 3.93 -20.72 -5.96
CA TRP B 31 3.64 -21.78 -6.94
C TRP B 31 3.54 -21.14 -8.33
N LEU B 32 4.52 -21.41 -9.18
CA LEU B 32 4.55 -20.88 -10.55
C LEU B 32 4.74 -22.08 -11.47
N ASP B 33 3.85 -22.24 -12.46
CA ASP B 33 3.88 -23.44 -13.32
C ASP B 33 3.88 -24.67 -12.39
N ASP B 34 4.74 -25.66 -12.61
CA ASP B 34 4.76 -26.83 -11.75
C ASP B 34 5.87 -26.80 -10.71
N VAL B 35 6.32 -25.61 -10.26
CA VAL B 35 7.34 -25.54 -9.20
C VAL B 35 6.83 -24.69 -8.05
N VAL B 36 7.09 -25.12 -6.82
CA VAL B 36 6.82 -24.32 -5.63
C VAL B 36 8.15 -23.88 -5.06
N TYR B 37 8.37 -22.58 -4.95
CA TYR B 37 9.61 -22.01 -4.39
C TYR B 37 9.39 -21.64 -2.92
N CYS B 38 10.33 -22.00 -2.03
CA CYS B 38 10.17 -21.59 -0.63
C CYS B 38 11.55 -21.52 0.03
N PRO B 39 11.66 -20.80 1.15
CA PRO B 39 12.96 -20.75 1.86
C PRO B 39 13.37 -22.14 2.29
N ARG B 40 14.67 -22.44 2.16
CA ARG B 40 15.10 -23.77 2.52
C ARG B 40 15.06 -24.02 4.03
N HIS B 41 14.98 -22.96 4.86
CA HIS B 41 14.99 -23.25 6.29
C HIS B 41 13.70 -23.91 6.79
N VAL B 42 12.72 -24.19 5.91
CA VAL B 42 11.62 -25.06 6.31
C VAL B 42 12.07 -26.46 6.66
N ILE B 43 13.26 -26.90 6.22
CA ILE B 43 13.73 -28.24 6.57
C ILE B 43 14.58 -28.26 7.84
N CYS B 44 14.71 -27.13 8.53
CA CYS B 44 15.42 -27.12 9.80
C CYS B 44 14.51 -27.67 10.90
N THR B 45 15.10 -28.22 11.96
CA THR B 45 14.35 -28.33 13.22
C THR B 45 14.92 -27.38 14.28
N SER B 46 14.31 -27.34 15.46
CA SER B 46 14.83 -26.44 16.49
C SER B 46 16.26 -26.76 16.90
N GLU B 47 16.82 -27.88 16.46
CA GLU B 47 18.23 -28.23 16.61
C GLU B 47 19.12 -27.70 15.49
N ASP B 48 18.53 -27.31 14.37
CA ASP B 48 19.25 -26.96 13.15
C ASP B 48 19.29 -25.47 12.93
N MET B 49 19.20 -24.65 14.00
CA MET B 49 19.10 -23.29 13.54
C MET B 49 20.39 -22.52 13.54
N LEU B 50 21.45 -22.91 14.28
CA LEU B 50 22.64 -22.05 14.25
C LEU B 50 23.60 -22.39 13.13
N ASN B 51 23.79 -23.70 12.89
CA ASN B 51 24.73 -24.19 11.87
C ASN B 51 24.15 -25.36 11.10
N PRO B 52 22.95 -25.23 10.54
CA PRO B 52 22.42 -26.29 9.68
C PRO B 52 23.32 -26.62 8.50
N ASN B 53 23.42 -27.90 8.15
CA ASN B 53 23.99 -28.27 6.87
C ASN B 53 22.84 -28.64 5.97
N TYR B 54 22.49 -27.75 5.05
CA TYR B 54 21.23 -27.98 4.32
C TYR B 54 21.33 -29.17 3.35
N GLU B 55 22.50 -29.41 2.75
CA GLU B 55 22.69 -30.62 1.93
C GLU B 55 22.35 -31.89 2.73
N ASP B 56 22.84 -31.95 3.96
CA ASP B 56 22.58 -33.10 4.83
C ASP B 56 21.12 -33.17 5.26
N LEU B 57 20.54 -32.03 5.63
CA LEU B 57 19.14 -32.02 6.02
C LEU B 57 18.24 -32.46 4.87
N LEU B 58 18.56 -32.06 3.65
CA LEU B 58 17.69 -32.33 2.51
C LEU B 58 17.80 -33.78 2.04
N ILE B 59 19.01 -34.36 2.08
CA ILE B 59 19.15 -35.72 1.56
C ILE B 59 18.34 -36.71 2.39
N ARG B 60 17.94 -36.35 3.61
CA ARG B 60 17.14 -37.17 4.51
C ARG B 60 15.65 -37.06 4.22
N LYS B 61 15.26 -36.22 3.28
CA LYS B 61 13.84 -36.01 2.99
C LYS B 61 13.47 -36.75 1.72
N SER B 62 12.26 -37.29 1.71
CA SER B 62 11.62 -37.76 0.49
C SER B 62 10.65 -36.69 -0.02
N ASN B 63 10.16 -36.91 -1.23
CA ASN B 63 9.14 -36.02 -1.77
C ASN B 63 7.94 -35.93 -0.83
N HIS B 64 7.50 -37.07 -0.26
CA HIS B 64 6.28 -36.99 0.53
C HIS B 64 6.52 -36.46 1.94
N ASN B 65 7.71 -35.99 2.28
CA ASN B 65 7.87 -35.28 3.55
C ASN B 65 7.49 -33.81 3.41
N PHE B 66 7.23 -33.33 2.20
CA PHE B 66 6.80 -31.95 1.98
C PHE B 66 5.30 -31.96 1.78
N LEU B 67 4.57 -31.27 2.67
CA LEU B 67 3.12 -31.12 2.55
C LEU B 67 2.86 -29.74 1.95
N VAL B 68 2.31 -29.70 0.75
CA VAL B 68 2.09 -28.43 0.04
C VAL B 68 0.60 -28.28 -0.12
N GLN B 69 0.02 -27.18 0.37
CA GLN B 69 -1.44 -27.03 0.38
C GLN B 69 -1.78 -25.76 -0.37
N ALA B 70 -2.61 -25.88 -1.38
CA ALA B 70 -3.04 -24.72 -2.13
C ALA B 70 -4.53 -24.57 -1.85
N GLY B 71 -4.87 -23.63 -0.98
CA GLY B 71 -6.24 -23.61 -0.48
C GLY B 71 -6.68 -24.95 0.08
N ASN B 72 -7.77 -25.51 -0.43
CA ASN B 72 -8.28 -26.78 0.10
C ASN B 72 -7.69 -28.00 -0.60
N VAL B 73 -6.67 -27.84 -1.44
CA VAL B 73 -6.08 -28.90 -2.27
C VAL B 73 -4.65 -29.18 -1.84
N GLN B 74 -4.33 -30.46 -1.59
CA GLN B 74 -2.96 -30.88 -1.32
C GLN B 74 -2.29 -31.15 -2.66
N LEU B 75 -1.18 -30.48 -2.94
CA LEU B 75 -0.44 -30.70 -4.16
C LEU B 75 0.51 -31.86 -3.95
N ARG B 76 0.66 -32.69 -4.98
CA ARG B 76 1.60 -33.82 -4.89
C ARG B 76 3.01 -33.39 -5.31
N VAL B 77 4.00 -33.57 -4.41
CA VAL B 77 5.39 -33.24 -4.72
C VAL B 77 6.03 -34.44 -5.42
N ILE B 78 6.64 -34.21 -6.59
CA ILE B 78 7.26 -35.27 -7.38
C ILE B 78 8.75 -35.07 -7.58
N GLY B 79 9.34 -34.05 -6.97
CA GLY B 79 10.77 -33.86 -7.05
C GLY B 79 11.13 -32.67 -6.18
N HIS B 80 12.41 -32.62 -5.80
CA HIS B 80 12.84 -31.49 -4.97
C HIS B 80 14.32 -31.29 -5.19
N SER B 81 14.73 -30.03 -5.12
CA SER B 81 16.11 -29.63 -5.26
C SER B 81 16.29 -28.31 -4.51
N MET B 82 17.54 -27.94 -4.32
CA MET B 82 17.81 -26.68 -3.67
C MET B 82 18.66 -25.87 -4.61
N GLN B 83 18.36 -24.59 -4.70
CA GLN B 83 19.16 -23.65 -5.46
C GLN B 83 19.54 -22.54 -4.50
N ASN B 84 20.83 -22.47 -4.14
CA ASN B 84 21.25 -21.51 -3.12
C ASN B 84 20.33 -21.64 -1.90
N CYS B 85 19.66 -20.58 -1.43
CA CYS B 85 18.91 -20.72 -0.18
C CYS B 85 17.40 -20.93 -0.39
N VAL B 86 16.99 -21.35 -1.60
CA VAL B 86 15.58 -21.67 -1.82
C VAL B 86 15.46 -23.13 -2.19
N LEU B 87 14.37 -23.71 -1.74
N LEU B 87 14.31 -23.67 -1.86
CA LEU B 87 14.01 -25.03 -2.22
CA LEU B 87 13.95 -25.06 -2.10
C LEU B 87 13.07 -24.87 -3.40
C LEU B 87 12.91 -25.05 -3.20
N LYS B 88 13.12 -25.86 -4.26
CA LYS B 88 12.22 -25.90 -5.42
C LYS B 88 11.54 -27.26 -5.39
N LEU B 89 10.25 -27.26 -5.15
CA LEU B 89 9.50 -28.49 -5.07
C LEU B 89 8.71 -28.64 -6.37
N LYS B 90 9.02 -29.70 -7.12
CA LYS B 90 8.29 -29.95 -8.36
C LYS B 90 7.00 -30.64 -7.99
N VAL B 91 5.89 -30.16 -8.56
CA VAL B 91 4.59 -30.71 -8.23
C VAL B 91 3.96 -31.20 -9.52
N ASP B 92 2.91 -32.01 -9.36
CA ASP B 92 2.31 -32.73 -10.47
CA ASP B 92 2.39 -32.69 -10.54
C ASP B 92 1.25 -31.93 -11.19
N THR B 93 1.01 -30.68 -10.79
CA THR B 93 0.01 -29.78 -11.37
C THR B 93 0.67 -28.44 -11.66
N ALA B 94 0.52 -27.92 -12.88
CA ALA B 94 0.92 -26.53 -13.10
C ALA B 94 -0.15 -25.60 -12.53
N ASN B 95 0.30 -24.56 -11.84
CA ASN B 95 -0.70 -23.62 -11.31
C ASN B 95 -1.53 -22.99 -12.44
N PRO B 96 -2.85 -23.23 -12.51
CA PRO B 96 -3.64 -22.58 -13.57
C PRO B 96 -3.65 -21.07 -13.49
N LYS B 97 -3.37 -20.49 -12.32
CA LYS B 97 -3.35 -19.04 -12.15
C LYS B 97 -1.95 -18.44 -12.33
N THR B 98 -0.99 -19.19 -12.84
CA THR B 98 0.33 -18.59 -13.03
C THR B 98 0.27 -17.37 -13.93
N PRO B 99 0.74 -16.20 -13.49
CA PRO B 99 0.78 -15.01 -14.36
C PRO B 99 2.00 -15.05 -15.27
N LYS B 100 2.02 -14.16 -16.24
CA LYS B 100 3.27 -13.86 -16.92
C LYS B 100 4.25 -13.36 -15.86
N TYR B 101 5.46 -13.91 -15.80
CA TYR B 101 6.39 -13.48 -14.73
C TYR B 101 7.85 -13.62 -15.16
N LYS B 102 8.73 -13.02 -14.37
CA LYS B 102 10.18 -13.19 -14.49
C LYS B 102 10.76 -13.00 -13.10
N PHE B 103 11.98 -13.49 -12.93
CA PHE B 103 12.75 -13.24 -11.72
C PHE B 103 13.79 -12.15 -12.00
N VAL B 104 13.92 -11.21 -11.06
CA VAL B 104 14.89 -10.11 -11.21
C VAL B 104 15.57 -9.89 -9.87
N ARG B 105 16.88 -9.71 -9.89
CA ARG B 105 17.60 -9.29 -8.69
C ARG B 105 17.71 -7.78 -8.73
N ILE B 106 17.34 -7.10 -7.65
CA ILE B 106 17.30 -5.67 -7.65
C ILE B 106 18.51 -5.10 -6.91
N GLN B 107 18.74 -3.82 -7.08
CA GLN B 107 19.81 -3.07 -6.43
C GLN B 107 19.25 -2.27 -5.24
N PRO B 108 20.09 -1.95 -4.26
CA PRO B 108 19.61 -1.09 -3.19
C PRO B 108 19.05 0.21 -3.74
N GLY B 109 17.97 0.65 -3.12
CA GLY B 109 17.23 1.82 -3.56
C GLY B 109 15.99 1.48 -4.36
N GLN B 110 15.95 0.30 -4.97
CA GLN B 110 14.80 -0.14 -5.74
C GLN B 110 13.63 -0.42 -4.79
N THR B 111 12.42 -0.16 -5.26
CA THR B 111 11.21 -0.41 -4.48
C THR B 111 10.44 -1.58 -5.04
N PHE B 112 9.54 -2.12 -4.21
CA PHE B 112 8.68 -3.23 -4.63
C PHE B 112 7.52 -3.38 -3.67
N SER B 113 6.48 -4.08 -4.13
CA SER B 113 5.32 -4.39 -3.29
C SER B 113 5.57 -5.71 -2.56
N VAL B 114 5.09 -5.81 -1.31
CA VAL B 114 5.20 -7.04 -0.54
C VAL B 114 3.78 -7.54 -0.27
N LEU B 115 3.50 -8.82 -0.56
CA LEU B 115 2.24 -9.44 -0.17
C LEU B 115 2.54 -10.30 1.06
N ALA B 116 2.28 -9.75 2.23
CA ALA B 116 2.57 -10.50 3.45
C ALA B 116 1.55 -11.63 3.61
N CYS B 117 2.04 -12.84 3.88
CA CYS B 117 1.18 -14.02 3.97
C CYS B 117 1.50 -14.87 5.20
N TYR B 118 0.45 -15.57 5.68
CA TYR B 118 0.58 -16.53 6.77
C TYR B 118 -0.19 -17.75 6.32
N ASN B 119 0.41 -18.93 6.49
CA ASN B 119 -0.26 -20.19 6.16
C ASN B 119 -0.77 -20.22 4.72
N GLY B 120 -0.03 -19.58 3.82
CA GLY B 120 -0.40 -19.62 2.42
C GLY B 120 -1.49 -18.63 2.05
N SER B 121 -1.96 -17.82 3.00
CA SER B 121 -3.03 -16.86 2.73
C SER B 121 -2.58 -15.41 2.93
N PRO B 122 -3.10 -14.48 2.14
CA PRO B 122 -2.63 -13.11 2.22
C PRO B 122 -3.18 -12.34 3.41
N SER B 123 -2.32 -11.54 4.04
CA SER B 123 -2.72 -10.65 5.12
C SER B 123 -2.84 -9.21 4.63
N GLY B 124 -1.95 -8.77 3.76
CA GLY B 124 -2.01 -7.40 3.31
C GLY B 124 -0.87 -7.14 2.36
N VAL B 125 -0.95 -5.95 1.72
CA VAL B 125 0.04 -5.54 0.76
C VAL B 125 0.61 -4.18 1.12
N TYR B 126 1.93 -4.03 1.03
CA TYR B 126 2.53 -2.72 1.27
C TYR B 126 3.75 -2.50 0.39
N GLN B 127 4.21 -1.25 0.32
CA GLN B 127 5.42 -0.90 -0.44
C GLN B 127 6.63 -0.95 0.47
N CYS B 128 7.76 -1.34 -0.09
CA CYS B 128 9.05 -1.49 0.58
C CYS B 128 10.13 -0.96 -0.35
N ALA B 129 11.32 -0.74 0.20
CA ALA B 129 12.51 -0.49 -0.60
C ALA B 129 13.64 -1.40 -0.10
N MET B 130 14.51 -1.79 -1.00
CA MET B 130 15.78 -2.38 -0.59
C MET B 130 16.69 -1.29 -0.04
N ARG B 131 17.01 -1.37 1.26
CA ARG B 131 17.84 -0.33 1.87
C ARG B 131 19.28 -0.44 1.38
N PRO B 132 20.04 0.65 1.47
CA PRO B 132 21.47 0.56 1.14
C PRO B 132 22.22 -0.52 1.89
N ASN B 133 21.77 -0.87 3.11
CA ASN B 133 22.42 -1.93 3.87
C ASN B 133 21.83 -3.32 3.60
N PHE B 134 21.07 -3.46 2.51
CA PHE B 134 20.55 -4.74 2.02
C PHE B 134 19.57 -5.38 2.98
N THR B 135 18.91 -4.58 3.80
CA THR B 135 17.76 -5.06 4.58
C THR B 135 16.53 -4.40 4.00
N ILE B 136 15.36 -4.91 4.40
CA ILE B 136 14.15 -4.19 4.09
C ILE B 136 13.44 -3.91 5.39
N LYS B 137 12.75 -2.76 5.46
CA LYS B 137 11.97 -2.45 6.66
C LYS B 137 10.56 -2.95 6.42
N GLY B 138 10.36 -4.24 6.63
CA GLY B 138 9.07 -4.84 6.38
C GLY B 138 8.17 -4.82 7.60
N SER B 139 7.01 -5.43 7.43
CA SER B 139 6.13 -5.73 8.55
C SER B 139 5.84 -7.23 8.47
N PHE B 140 6.51 -8.02 9.32
CA PHE B 140 6.51 -9.48 9.19
C PHE B 140 6.52 -10.12 10.59
N LEU B 141 5.77 -11.20 10.73
CA LEU B 141 5.63 -11.94 11.98
C LEU B 141 6.11 -13.37 11.73
N ASN B 142 6.20 -14.17 12.80
CA ASN B 142 6.47 -15.59 12.56
C ASN B 142 5.42 -16.19 11.65
N GLY B 143 5.91 -16.98 10.68
CA GLY B 143 5.10 -17.60 9.66
C GLY B 143 5.05 -16.83 8.35
N SER B 144 5.65 -15.61 8.30
CA SER B 144 5.63 -14.85 7.05
C SER B 144 6.73 -15.29 6.08
N ALA B 145 7.72 -16.08 6.49
CA ALA B 145 8.75 -16.40 5.52
C ALA B 145 8.13 -17.04 4.29
N GLY B 146 8.73 -16.78 3.12
CA GLY B 146 8.21 -17.22 1.83
C GLY B 146 7.22 -16.25 1.23
N SER B 147 6.78 -15.23 1.98
CA SER B 147 6.15 -14.07 1.35
C SER B 147 7.12 -13.41 0.34
N VAL B 148 6.58 -12.82 -0.73
CA VAL B 148 7.45 -12.31 -1.77
C VAL B 148 7.21 -10.82 -2.03
N GLY B 149 8.25 -10.21 -2.61
CA GLY B 149 8.19 -8.85 -3.10
C GLY B 149 8.26 -8.84 -4.62
N PHE B 150 7.57 -7.88 -5.22
CA PHE B 150 7.37 -7.93 -6.67
C PHE B 150 7.02 -6.52 -7.18
N ASN B 151 7.21 -6.36 -8.50
CA ASN B 151 6.61 -5.27 -9.25
C ASN B 151 5.80 -5.82 -10.41
N ILE B 152 4.90 -5.01 -10.94
CA ILE B 152 4.08 -5.48 -12.07
C ILE B 152 3.99 -4.33 -13.07
N ASP B 153 5.11 -3.88 -13.54
CA ASP B 153 5.11 -2.95 -14.65
C ASP B 153 4.67 -3.73 -15.91
N TYR B 154 3.74 -3.18 -16.66
CA TYR B 154 3.46 -3.73 -17.99
C TYR B 154 2.93 -5.17 -17.95
N ASP B 155 2.10 -5.50 -16.97
CA ASP B 155 1.37 -6.78 -16.92
C ASP B 155 2.24 -8.04 -16.77
N CYS B 156 3.53 -7.90 -16.50
CA CYS B 156 4.39 -9.03 -16.18
C CYS B 156 4.82 -8.86 -14.73
N VAL B 157 4.67 -9.91 -13.90
CA VAL B 157 5.12 -9.84 -12.52
C VAL B 157 6.62 -10.07 -12.48
N SER B 158 7.37 -9.12 -11.94
CA SER B 158 8.81 -9.32 -11.70
C SER B 158 9.01 -9.63 -10.22
N PHE B 159 9.34 -10.88 -9.90
CA PHE B 159 9.53 -11.24 -8.50
C PHE B 159 10.97 -10.93 -8.13
N CYS B 160 11.19 -10.14 -7.06
CA CYS B 160 12.53 -9.70 -6.70
C CYS B 160 12.94 -10.04 -5.28
N TYR B 161 12.03 -10.53 -4.42
CA TYR B 161 12.39 -10.76 -3.03
C TYR B 161 11.59 -11.92 -2.49
N MET B 162 12.23 -12.78 -1.67
CA MET B 162 11.42 -13.73 -0.93
C MET B 162 11.91 -13.64 0.52
N HIS B 163 10.98 -13.55 1.44
CA HIS B 163 11.31 -13.26 2.83
C HIS B 163 11.85 -14.48 3.58
N HIS B 164 12.96 -14.30 4.34
CA HIS B 164 13.46 -15.39 5.18
C HIS B 164 13.42 -15.11 6.67
N MET B 165 13.90 -13.95 7.13
CA MET B 165 14.22 -13.86 8.56
C MET B 165 14.21 -12.41 9.03
N GLU B 166 14.16 -12.27 10.36
CA GLU B 166 14.18 -10.96 10.99
C GLU B 166 15.46 -10.80 11.79
N LEU B 167 16.07 -9.62 11.65
CA LEU B 167 17.31 -9.27 12.34
C LEU B 167 17.00 -8.62 13.66
N PRO B 168 18.02 -8.50 14.54
CA PRO B 168 17.78 -8.02 15.91
C PRO B 168 17.14 -6.66 16.02
N THR B 169 17.40 -5.74 15.10
CA THR B 169 16.75 -4.43 15.14
C THR B 169 15.35 -4.42 14.55
N GLY B 170 14.84 -5.59 14.15
CA GLY B 170 13.47 -5.69 13.67
C GLY B 170 13.30 -5.45 12.19
N VAL B 171 14.39 -5.29 11.42
CA VAL B 171 14.33 -5.22 9.96
C VAL B 171 14.53 -6.62 9.40
N HIS B 172 14.44 -6.75 8.07
CA HIS B 172 14.23 -8.06 7.47
C HIS B 172 15.28 -8.38 6.41
N ALA B 173 15.54 -9.68 6.24
CA ALA B 173 16.52 -10.13 5.28
C ALA B 173 15.94 -11.29 4.48
N GLY B 174 16.35 -11.38 3.24
CA GLY B 174 15.87 -12.47 2.41
C GLY B 174 16.64 -12.51 1.11
N THR B 175 16.06 -13.20 0.13
CA THR B 175 16.81 -13.57 -1.07
C THR B 175 16.10 -13.10 -2.32
N ASP B 176 16.82 -13.15 -3.44
CA ASP B 176 16.11 -13.16 -4.72
C ASP B 176 15.48 -14.55 -4.95
N LEU B 177 14.78 -14.70 -6.11
CA LEU B 177 14.06 -15.95 -6.35
C LEU B 177 14.98 -17.03 -6.90
N GLU B 178 16.26 -16.75 -7.04
CA GLU B 178 17.28 -17.77 -7.26
C GLU B 178 17.92 -18.17 -5.94
N GLY B 179 17.42 -17.66 -4.82
CA GLY B 179 17.93 -18.07 -3.53
C GLY B 179 19.20 -17.39 -3.06
N ASN B 180 19.66 -16.33 -3.73
CA ASN B 180 20.85 -15.61 -3.25
C ASN B 180 20.45 -14.48 -2.33
N PHE B 181 20.96 -14.48 -1.10
CA PHE B 181 20.61 -13.42 -0.17
C PHE B 181 20.98 -12.04 -0.73
N TYR B 182 20.17 -11.05 -0.39
CA TYR B 182 20.60 -9.67 -0.46
C TYR B 182 21.50 -9.37 0.73
N GLY B 183 22.67 -8.78 0.46
CA GLY B 183 23.60 -8.41 1.50
C GLY B 183 24.37 -9.61 2.00
N PRO B 184 25.08 -9.43 3.11
CA PRO B 184 26.02 -10.47 3.59
C PRO B 184 25.38 -11.51 4.49
N PHE B 185 24.07 -11.55 4.53
CA PHE B 185 23.36 -12.40 5.45
C PHE B 185 23.33 -13.84 5.00
N VAL B 186 23.16 -14.72 6.00
CA VAL B 186 23.11 -16.17 5.80
C VAL B 186 21.90 -16.72 6.55
N ASP B 187 21.34 -17.83 6.05
CA ASP B 187 20.21 -18.46 6.73
C ASP B 187 20.70 -19.38 7.85
N ARG B 188 21.19 -18.70 8.89
CA ARG B 188 21.59 -19.28 10.16
C ARG B 188 21.10 -18.30 11.21
N GLN B 189 20.70 -18.81 12.39
CA GLN B 189 20.27 -17.92 13.46
C GLN B 189 21.44 -17.42 14.30
N THR B 190 22.66 -17.63 13.80
CA THR B 190 23.83 -17.08 14.46
C THR B 190 23.74 -15.55 14.41
N ALA B 191 24.39 -14.88 15.37
CA ALA B 191 24.36 -13.41 15.43
C ALA B 191 24.77 -12.77 14.12
N GLN B 192 23.91 -11.88 13.64
CA GLN B 192 24.12 -11.08 12.45
C GLN B 192 23.48 -9.73 12.73
N ALA B 193 23.98 -8.70 12.08
CA ALA B 193 23.42 -7.36 12.33
C ALA B 193 23.48 -6.54 11.06
N ALA B 194 22.42 -5.77 10.83
CA ALA B 194 22.40 -4.80 9.72
C ALA B 194 23.56 -3.83 9.90
N GLY B 195 24.30 -3.57 8.82
CA GLY B 195 25.19 -2.44 8.78
C GLY B 195 24.47 -1.11 9.02
N THR B 196 25.28 -0.08 9.24
CA THR B 196 24.75 1.27 9.30
C THR B 196 23.98 1.57 8.02
N ASP B 197 22.75 1.99 8.17
CA ASP B 197 21.97 2.36 7.01
C ASP B 197 22.04 3.85 6.70
N THR B 198 21.77 4.14 5.45
CA THR B 198 21.88 5.48 4.93
C THR B 198 20.58 5.80 4.20
N THR B 199 20.40 7.09 3.93
CA THR B 199 19.24 7.58 3.19
C THR B 199 19.47 7.48 1.69
N ILE B 200 18.43 7.11 0.95
CA ILE B 200 18.58 6.86 -0.50
C ILE B 200 18.39 8.20 -1.21
N THR B 201 19.51 8.90 -1.45
CA THR B 201 19.47 10.27 -1.92
C THR B 201 18.71 10.44 -3.22
N VAL B 202 18.97 9.56 -4.20
CA VAL B 202 18.29 9.73 -5.50
C VAL B 202 16.79 9.63 -5.34
N ASN B 203 16.31 8.85 -4.34
CA ASN B 203 14.86 8.75 -4.15
C ASN B 203 14.29 10.00 -3.47
N VAL B 204 15.03 10.60 -2.53
CA VAL B 204 14.58 11.86 -1.94
C VAL B 204 14.45 12.94 -3.03
N LEU B 205 15.46 13.04 -3.93
CA LEU B 205 15.35 13.97 -5.05
C LEU B 205 14.12 13.67 -5.91
N ALA B 206 13.88 12.37 -6.21
CA ALA B 206 12.68 11.99 -6.98
C ALA B 206 11.39 12.53 -6.34
N TRP B 207 11.29 12.35 -5.03
CA TRP B 207 10.11 12.77 -4.29
C TRP B 207 10.00 14.29 -4.22
N LEU B 208 11.14 15.03 -4.15
CA LEU B 208 11.03 16.49 -4.26
C LEU B 208 10.50 16.90 -5.63
N TYR B 209 10.96 16.21 -6.67
CA TYR B 209 10.38 16.43 -8.00
C TYR B 209 8.87 16.13 -8.01
N ALA B 210 8.43 15.05 -7.33
CA ALA B 210 7.00 14.78 -7.22
C ALA B 210 6.27 15.93 -6.56
N ALA B 211 6.86 16.52 -5.51
CA ALA B 211 6.22 17.65 -4.83
C ALA B 211 6.04 18.84 -5.77
N VAL B 212 7.05 19.14 -6.59
CA VAL B 212 6.95 20.22 -7.58
C VAL B 212 5.88 19.88 -8.61
N ILE B 213 5.90 18.65 -9.16
CA ILE B 213 4.86 18.27 -10.13
C ILE B 213 3.47 18.53 -9.56
N ASN B 214 3.26 18.17 -8.29
CA ASN B 214 1.97 18.35 -7.64
C ASN B 214 1.71 19.77 -7.15
N GLY B 215 2.67 20.68 -7.29
CA GLY B 215 2.27 22.06 -7.10
C GLY B 215 3.07 22.86 -6.11
N ASP B 216 4.10 22.30 -5.47
CA ASP B 216 4.73 23.01 -4.37
C ASP B 216 6.21 23.23 -4.67
N ARG B 217 6.65 24.46 -4.39
CA ARG B 217 7.99 24.92 -4.71
C ARG B 217 8.66 25.59 -3.51
N TRP B 218 8.03 25.59 -2.32
CA TRP B 218 8.51 26.46 -1.23
C TRP B 218 9.95 26.17 -0.82
N PHE B 219 10.39 24.97 -1.07
CA PHE B 219 11.70 24.51 -0.59
C PHE B 219 12.83 24.78 -1.55
N LEU B 220 12.54 25.24 -2.75
CA LEU B 220 13.57 25.55 -3.71
C LEU B 220 14.35 26.79 -3.25
N ASN B 221 15.51 26.97 -3.82
CA ASN B 221 16.27 28.20 -3.59
C ASN B 221 17.01 28.58 -4.85
N ARG B 222 17.75 29.69 -4.78
CA ARG B 222 18.34 30.25 -5.99
C ARG B 222 19.70 29.67 -6.31
N PHE B 223 20.15 28.67 -5.56
CA PHE B 223 21.53 28.21 -5.70
C PHE B 223 21.61 26.96 -6.58
N THR B 224 22.84 26.67 -6.97
CA THR B 224 23.18 25.38 -7.52
C THR B 224 24.32 24.76 -6.68
N THR B 225 24.84 23.63 -7.16
CA THR B 225 25.94 22.96 -6.47
C THR B 225 26.72 22.11 -7.49
N THR B 226 28.00 21.92 -7.22
CA THR B 226 28.64 20.82 -7.94
C THR B 226 28.19 19.49 -7.31
N LEU B 227 28.31 18.42 -8.09
CA LEU B 227 28.01 17.10 -7.56
C LEU B 227 28.91 16.75 -6.38
N ASN B 228 30.24 16.99 -6.51
CA ASN B 228 31.19 16.86 -5.40
C ASN B 228 30.73 17.54 -4.12
N ASP B 229 30.44 18.84 -4.19
CA ASP B 229 30.10 19.58 -2.98
C ASP B 229 28.78 19.05 -2.40
N PHE B 230 27.82 18.70 -3.26
CA PHE B 230 26.61 18.08 -2.75
C PHE B 230 26.92 16.84 -1.96
N ASN B 231 27.71 15.94 -2.52
CA ASN B 231 27.98 14.72 -1.79
C ASN B 231 28.76 14.97 -0.50
N LEU B 232 29.68 15.93 -0.51
CA LEU B 232 30.39 16.23 0.71
C LEU B 232 29.45 16.70 1.82
N VAL B 233 28.39 17.46 1.48
CA VAL B 233 27.46 17.89 2.51
C VAL B 233 26.52 16.75 2.88
N ALA B 234 25.94 16.11 1.87
CA ALA B 234 24.91 15.13 2.16
C ALA B 234 25.45 13.95 2.97
N MET B 235 26.70 13.52 2.72
CA MET B 235 27.20 12.43 3.59
C MET B 235 27.37 12.80 5.04
N LYS B 236 27.36 14.09 5.39
CA LYS B 236 27.37 14.46 6.79
C LYS B 236 26.02 14.24 7.45
N TYR B 237 25.00 13.93 6.65
CA TYR B 237 23.70 13.59 7.21
C TYR B 237 23.36 12.12 6.97
N ASN B 238 24.37 11.28 6.69
CA ASN B 238 24.22 9.85 6.42
C ASN B 238 23.37 9.59 5.18
N TYR B 239 23.52 10.45 4.15
CA TYR B 239 22.93 10.21 2.86
C TYR B 239 23.91 9.43 2.01
N GLU B 240 23.37 8.56 1.16
CA GLU B 240 24.16 7.84 0.15
C GLU B 240 24.76 8.81 -0.85
N PRO B 241 25.95 8.54 -1.38
CA PRO B 241 26.46 9.44 -2.42
C PRO B 241 25.57 9.38 -3.64
N LEU B 242 25.40 10.54 -4.27
CA LEU B 242 24.74 10.61 -5.55
C LEU B 242 25.77 10.49 -6.68
N THR B 243 25.52 9.56 -7.58
CA THR B 243 26.41 9.29 -8.70
C THR B 243 25.94 9.99 -9.95
N GLN B 244 26.83 10.03 -10.94
CA GLN B 244 26.37 10.56 -12.19
C GLN B 244 25.26 9.70 -12.78
N ASP B 245 25.27 8.41 -12.53
CA ASP B 245 24.15 7.58 -13.02
C ASP B 245 22.83 8.11 -12.47
N HIS B 246 22.79 8.37 -11.16
CA HIS B 246 21.61 8.94 -10.52
C HIS B 246 21.21 10.25 -11.16
N VAL B 247 22.20 11.12 -11.41
CA VAL B 247 21.89 12.39 -12.03
C VAL B 247 21.22 12.14 -13.39
N ASP B 248 21.76 11.18 -14.17
CA ASP B 248 21.17 10.86 -15.46
C ASP B 248 19.74 10.34 -15.31
N ILE B 249 19.49 9.52 -14.27
CA ILE B 249 18.19 8.90 -14.08
C ILE B 249 17.13 9.96 -13.82
N LEU B 250 17.50 11.04 -13.13
CA LEU B 250 16.61 12.13 -12.80
C LEU B 250 16.32 13.06 -13.97
N GLY B 251 16.94 12.86 -15.14
CA GLY B 251 16.80 13.75 -16.27
C GLY B 251 15.37 14.02 -16.70
N PRO B 252 14.56 12.97 -16.82
CA PRO B 252 13.15 13.19 -17.24
C PRO B 252 12.35 14.04 -16.27
N LEU B 253 12.52 13.83 -14.96
CA LEU B 253 11.80 14.64 -14.01
C LEU B 253 12.33 16.06 -14.05
N SER B 254 13.65 16.20 -14.22
CA SER B 254 14.19 17.54 -14.34
C SER B 254 13.59 18.27 -15.54
N ALA B 255 13.44 17.56 -16.66
CA ALA B 255 12.87 18.15 -17.86
C ALA B 255 11.40 18.51 -17.68
N GLN B 256 10.62 17.65 -17.01
CA GLN B 256 9.21 17.94 -16.83
C GLN B 256 9.01 19.18 -15.97
N THR B 257 9.89 19.39 -14.99
CA THR B 257 9.67 20.46 -14.04
C THR B 257 10.48 21.71 -14.36
N GLY B 258 11.48 21.62 -15.25
CA GLY B 258 12.35 22.75 -15.53
C GLY B 258 13.33 23.08 -14.42
N ILE B 259 13.58 22.14 -13.49
CA ILE B 259 14.53 22.33 -12.40
C ILE B 259 15.72 21.41 -12.63
N ALA B 260 16.88 21.97 -12.92
CA ALA B 260 18.08 21.16 -13.15
C ALA B 260 18.34 20.29 -11.93
N VAL B 261 18.89 19.10 -12.20
CA VAL B 261 19.15 18.16 -11.10
C VAL B 261 20.04 18.80 -10.03
N LEU B 262 21.10 19.50 -10.42
CA LEU B 262 21.99 20.05 -9.40
C LEU B 262 21.35 21.24 -8.68
N ASP B 263 20.34 21.87 -9.29
CA ASP B 263 19.57 22.85 -8.56
C ASP B 263 18.64 22.18 -7.54
N MET B 264 18.03 21.04 -7.89
CA MET B 264 17.31 20.32 -6.85
C MET B 264 18.23 19.85 -5.74
N CYS B 265 19.49 19.48 -6.08
CA CYS B 265 20.45 19.10 -5.06
C CYS B 265 20.72 20.25 -4.11
N ALA B 266 20.79 21.50 -4.65
CA ALA B 266 20.93 22.67 -3.78
C ALA B 266 19.75 22.83 -2.84
N SER B 267 18.52 22.59 -3.33
CA SER B 267 17.37 22.65 -2.46
C SER B 267 17.50 21.63 -1.33
N LEU B 268 17.84 20.40 -1.68
CA LEU B 268 17.99 19.35 -0.66
C LEU B 268 19.04 19.72 0.38
N LYS B 269 20.16 20.32 -0.05
CA LYS B 269 21.18 20.77 0.90
C LYS B 269 20.60 21.74 1.92
N GLU B 270 19.76 22.66 1.45
CA GLU B 270 19.17 23.63 2.37
C GLU B 270 18.11 23.01 3.27
N LEU B 271 17.31 22.06 2.72
CA LEU B 271 16.35 21.35 3.57
C LEU B 271 17.02 20.60 4.70
N LEU B 272 18.18 19.97 4.43
CA LEU B 272 18.88 19.26 5.49
C LEU B 272 19.39 20.24 6.53
N GLN B 273 19.81 21.45 6.10
CA GLN B 273 20.30 22.50 6.98
C GLN B 273 19.20 23.10 7.86
N ASN B 274 17.98 23.26 7.29
CA ASN B 274 16.90 24.04 7.92
C ASN B 274 15.78 23.20 8.52
N GLY B 275 15.60 21.96 8.05
CA GLY B 275 14.35 21.28 8.41
C GLY B 275 13.21 21.88 7.60
N MET B 276 11.95 21.56 8.00
CA MET B 276 10.85 22.12 7.22
C MET B 276 10.12 23.24 7.92
N ASN B 277 10.57 23.62 9.13
CA ASN B 277 10.04 24.82 9.80
C ASN B 277 8.50 24.76 9.88
N GLY B 278 8.01 23.61 10.33
CA GLY B 278 6.58 23.41 10.55
C GLY B 278 5.77 23.10 9.31
N ARG B 279 6.37 23.10 8.14
CA ARG B 279 5.68 22.71 6.92
C ARG B 279 5.77 21.20 6.70
N THR B 280 5.06 20.74 5.66
CA THR B 280 5.12 19.36 5.22
C THR B 280 5.36 19.35 3.71
N ILE B 281 5.86 18.21 3.20
CA ILE B 281 6.03 18.01 1.77
C ILE B 281 5.29 16.72 1.45
N LEU B 282 4.35 16.78 0.52
CA LEU B 282 3.51 15.62 0.17
C LEU B 282 3.04 14.87 1.43
N GLY B 283 2.57 15.64 2.41
CA GLY B 283 1.99 15.02 3.58
C GLY B 283 2.99 14.51 4.61
N SER B 284 4.29 14.75 4.45
CA SER B 284 5.26 14.22 5.37
C SER B 284 6.06 15.35 6.01
N ALA B 285 6.52 15.14 7.26
CA ALA B 285 7.41 16.07 7.93
C ALA B 285 8.87 15.59 7.93
N LEU B 286 9.15 14.51 7.22
CA LEU B 286 10.50 14.03 6.99
C LEU B 286 10.72 13.90 5.50
N LEU B 287 11.99 13.84 5.10
CA LEU B 287 12.27 13.65 3.69
C LEU B 287 12.14 12.17 3.35
N GLU B 288 11.25 11.83 2.44
CA GLU B 288 10.95 10.43 2.12
C GLU B 288 11.90 9.87 1.10
N ASP B 289 12.36 8.62 1.34
CA ASP B 289 13.31 8.03 0.40
C ASP B 289 12.90 6.66 -0.14
N GLU B 290 11.62 6.29 -0.06
CA GLU B 290 11.22 5.00 -0.64
C GLU B 290 10.30 5.20 -1.85
N PHE B 291 10.53 6.27 -2.62
CA PHE B 291 9.96 6.41 -3.94
C PHE B 291 11.08 6.65 -4.94
N THR B 292 11.17 5.83 -5.96
CA THR B 292 12.21 5.99 -6.97
C THR B 292 11.76 6.95 -8.06
N PRO B 293 12.71 7.42 -8.89
CA PRO B 293 12.33 8.24 -10.03
C PRO B 293 11.30 7.53 -10.90
N PHE B 294 11.43 6.22 -11.09
CA PHE B 294 10.45 5.49 -11.90
C PHE B 294 9.09 5.46 -11.20
N ASP B 295 9.08 5.31 -9.88
CA ASP B 295 7.83 5.32 -9.12
C ASP B 295 7.11 6.64 -9.28
N VAL B 296 7.88 7.76 -9.27
CA VAL B 296 7.26 9.08 -9.36
C VAL B 296 6.62 9.25 -10.73
N VAL B 297 7.32 8.86 -11.80
CA VAL B 297 6.72 8.94 -13.14
C VAL B 297 5.52 8.00 -13.27
N ARG B 298 5.55 6.85 -12.61
CA ARG B 298 4.40 5.92 -12.64
C ARG B 298 3.18 6.58 -12.03
N GLN B 299 3.35 7.31 -10.93
CA GLN B 299 2.22 7.74 -10.13
C GLN B 299 1.75 9.14 -10.48
N CYS B 300 2.67 10.04 -10.86
CA CYS B 300 2.32 11.44 -11.02
C CYS B 300 1.83 11.76 -12.42
N SER B 301 1.14 12.90 -12.51
CA SER B 301 0.73 13.43 -13.80
C SER B 301 1.97 13.78 -14.61
N GLY B 302 1.85 13.63 -15.94
CA GLY B 302 2.83 14.12 -16.91
C GLY B 302 2.81 15.62 -17.14
N VAL B 303 1.86 16.32 -16.52
CA VAL B 303 1.68 17.78 -16.64
C VAL B 303 1.92 18.38 -15.26
N THR B 304 2.96 19.21 -15.09
CA THR B 304 3.15 19.74 -13.73
C THR B 304 2.17 20.87 -13.47
N PHE B 305 1.85 21.07 -12.19
CA PHE B 305 0.88 22.07 -11.76
C PHE B 305 1.66 23.36 -11.53
N GLY C 1 -8.61 23.02 -9.78
CA GLY C 1 -10.03 23.32 -9.90
C GLY C 1 -10.85 22.12 -9.43
N VAL C 2 -12.11 22.04 -9.85
CA VAL C 2 -12.92 20.83 -9.65
C VAL C 2 -12.88 20.00 -10.94
N THR C 3 -12.48 18.74 -10.82
CA THR C 3 -12.25 17.88 -11.99
C THR C 3 -13.03 16.58 -11.82
N PHE C 4 -13.89 16.26 -12.79
CA PHE C 4 -14.55 14.96 -12.84
C PHE C 4 -13.64 14.00 -13.60
N GLN C 5 -13.05 13.05 -12.87
CA GLN C 5 -11.86 12.38 -13.39
C GLN C 5 -12.19 11.17 -14.28
N SER C 6 -13.12 11.35 -15.21
CA SER C 6 -13.13 10.51 -16.41
C SER C 6 -11.93 10.87 -17.28
N ALA C 7 -11.78 10.17 -18.40
CA ALA C 7 -10.76 10.53 -19.38
C ALA C 7 -11.41 10.64 -20.74
N VAL C 8 -10.74 11.36 -21.66
CA VAL C 8 -11.18 11.34 -23.06
C VAL C 8 -10.83 9.99 -23.66
N LYS C 9 -11.81 9.39 -24.34
CA LYS C 9 -11.65 8.08 -24.97
C LYS C 9 -10.52 8.11 -25.97
N GLY D 1 17.71 -11.85 18.79
CA GLY D 1 18.73 -12.18 17.81
C GLY D 1 18.13 -12.32 16.42
N VAL D 2 18.75 -13.16 15.60
CA VAL D 2 18.25 -13.47 14.25
C VAL D 2 17.18 -14.55 14.33
N THR D 3 16.00 -14.29 13.75
CA THR D 3 14.87 -15.20 13.86
C THR D 3 14.41 -15.59 12.46
N PHE D 4 14.53 -16.88 12.12
CA PHE D 4 13.82 -17.39 10.97
C PHE D 4 12.33 -17.19 11.15
N GLN D 5 11.64 -16.69 10.13
CA GLN D 5 10.21 -16.43 10.32
C GLN D 5 9.36 -17.49 9.61
N SER D 6 9.80 -18.73 9.69
CA SER D 6 8.79 -19.82 9.66
C SER D 6 7.94 -19.76 10.92
N ALA D 7 7.01 -20.70 11.03
CA ALA D 7 6.19 -20.88 12.24
C ALA D 7 6.06 -22.37 12.58
N VAL D 8 5.69 -22.66 13.83
CA VAL D 8 5.39 -24.04 14.22
C VAL D 8 4.04 -24.45 13.64
N LYS D 9 3.97 -25.67 13.06
CA LYS D 9 2.74 -26.14 12.41
C LYS D 9 1.63 -26.30 13.44
N ARG D 10 0.44 -25.80 13.10
CA ARG D 10 -0.68 -25.72 14.06
C ARG D 10 -1.28 -27.10 14.30
C1 GOL E . -30.48 6.60 -0.19
O1 GOL E . -31.09 6.80 -1.45
C2 GOL E . -30.12 5.06 -0.10
O2 GOL E . -29.26 4.64 -1.17
C3 GOL E . -29.50 4.87 1.35
O3 GOL E . -29.42 3.47 1.59
C1 GOL F . -22.28 -12.40 -1.28
O1 GOL F . -22.37 -11.45 -2.30
C2 GOL F . -23.25 -12.17 -0.06
O2 GOL F . -23.73 -13.42 0.35
C3 GOL F . -22.38 -11.49 1.08
O3 GOL F . -23.11 -11.60 2.29
C1 GOL G . -32.22 14.68 -12.46
O1 GOL G . -31.54 13.69 -13.20
C2 GOL G . -31.62 16.00 -12.82
O2 GOL G . -30.20 16.03 -12.62
C3 GOL G . -32.33 17.02 -11.94
O3 GOL G . -31.33 17.26 -11.01
S DMS H . -2.49 6.67 -17.14
O DMS H . -3.03 7.97 -16.55
C1 DMS H . -2.03 5.49 -15.83
C2 DMS H . -3.69 5.81 -18.22
C1 GOL I . -20.44 -11.81 -22.46
O1 GOL I . -19.79 -13.05 -22.71
C2 GOL I . -20.59 -11.17 -23.85
O2 GOL I . -20.88 -12.13 -24.77
C3 GOL I . -21.78 -10.15 -23.78
O3 GOL I . -22.24 -9.99 -22.49
C1 GOL J . 28.32 28.56 -4.48
O1 GOL J . 28.87 29.27 -3.35
C2 GOL J . 26.85 29.12 -4.68
O2 GOL J . 26.07 28.88 -3.52
C3 GOL J . 26.33 28.28 -5.88
O3 GOL J . 24.98 28.70 -6.31
C1 GOL K . 23.15 25.06 2.07
O1 GOL K . 22.09 25.70 1.35
C2 GOL K . 24.36 26.12 2.36
O2 GOL K . 23.95 27.11 3.28
C3 GOL K . 24.77 26.75 0.98
O3 GOL K . 25.39 25.71 0.22
C1 GOL L . -1.04 12.02 3.76
O1 GOL L . -1.77 12.90 4.61
C2 GOL L . -0.94 12.69 2.35
O2 GOL L . -1.37 14.04 2.27
C3 GOL L . -1.77 11.83 1.49
O3 GOL L . -1.00 10.67 1.20
C1 GOL M . 23.94 20.77 11.30
O1 GOL M . 23.81 19.43 10.67
C2 GOL M . 22.77 21.61 10.61
O2 GOL M . 23.07 21.86 9.21
C3 GOL M . 21.34 20.79 10.85
O3 GOL M . 20.84 20.86 12.21
C1 GOL N . 8.80 -39.85 -3.02
O1 GOL N . 8.14 -40.00 -1.82
C2 GOL N . 10.21 -40.40 -3.08
O2 GOL N . 10.33 -41.06 -4.35
C3 GOL N . 11.24 -39.18 -2.70
O3 GOL N . 12.80 -39.35 -2.95
#